data_5DIY
#
_entry.id   5DIY
#
_cell.length_a   161.176
_cell.length_b   52.550
_cell.length_c   131.511
_cell.angle_alpha   90.00
_cell.angle_beta   122.35
_cell.angle_gamma   90.00
#
_symmetry.space_group_name_H-M   'C 1 2 1'
#
loop_
_entity.id
_entity.type
_entity.pdbx_description
1 polymer 'TGF-beta-activated kinase 1 and MAP3K7-binding protein 1'
2 polymer Hyaluronidase
3 non-polymer 2-acetamido-2-deoxy-beta-D-glucopyranose
4 water water
#
loop_
_entity_poly.entity_id
_entity_poly.type
_entity_poly.pdbx_seq_one_letter_code
_entity_poly.pdbx_strand_id
1 'polypeptide(L)' VPYSSAQ P,Q
2 'polypeptide(L)'
;MEYFRYRGIIEGFYGKPWEHQERLDMFEFMQANNLNAYIYAPKQDLYHRELWREPYKEEQLQLFKELIEKAGSCGINFTF
AISPGLSLVYSSEEELETLIRKITPFLEMGVHSIGIFFDNVPFDLIHEEDRNSYSNLAEAQADFLTRVLQRLESTISTPQ
IIMCPTFYCNDPNLEYLRILGQRLPKNIDVFWTGPNVCSHEITTSHMQEVQKSLQRPATLWDNYPVNDGGMMPELHIGPY
DHRDPELHTHVVGIYANPMALPEASKLPLYTFAQYLNSPSQYNPQDSWRQAVSTLLGEDNLSAMEKFYQSNTISCLEPEE
PAYLTNLFKKVQEDFASFRFEQGLRTLREEIISMQTTYSRLSTQDSKFFWEIRPWLEEYKLWTDYLDQAMITFSNLFTGF
FTADEEQARESLQKALQGRTYLREVLKDAVDFRTRVCGDVVRNFLQQVLRSTVSIELQAEGKEWTALPPGIVRD
;
A,B
#
# COMPACT_ATOMS: atom_id res chain seq x y z
N VAL A 1 -26.37 -8.54 -6.11
CA VAL A 1 -27.18 -8.74 -7.34
C VAL A 1 -27.90 -7.44 -7.70
N PRO A 2 -27.59 -6.85 -8.88
CA PRO A 2 -28.30 -5.61 -9.24
C PRO A 2 -29.80 -5.81 -9.52
N TYR A 3 -30.58 -4.75 -9.33
CA TYR A 3 -32.03 -4.76 -9.66
C TYR A 3 -32.28 -5.21 -11.11
N SER A 4 -31.42 -4.75 -12.02
CA SER A 4 -31.44 -5.18 -13.41
C SER A 4 -31.16 -6.68 -13.58
N SER A 5 -30.19 -7.18 -12.82
CA SER A 5 -29.88 -8.60 -12.71
C SER A 5 -29.33 -9.18 -14.03
N VAL B 1 28.60 2.78 14.86
CA VAL B 1 27.98 4.14 14.93
C VAL B 1 27.64 4.59 13.51
N PRO B 2 26.34 4.85 13.22
CA PRO B 2 26.01 5.34 11.87
C PRO B 2 26.58 6.75 11.60
N TYR B 3 26.73 7.09 10.32
CA TYR B 3 27.15 8.45 9.92
C TYR B 3 26.26 9.53 10.53
N SER B 4 24.96 9.29 10.55
CA SER B 4 24.01 10.18 11.20
C SER B 4 24.27 10.38 12.70
N SER B 5 24.93 9.38 13.30
CA SER B 5 25.51 9.39 14.65
C SER B 5 24.51 8.81 15.63
N GLU C 2 -11.21 16.84 -23.11
CA GLU C 2 -9.98 16.55 -23.91
C GLU C 2 -9.84 15.06 -24.18
N TYR C 3 -9.93 14.25 -23.12
CA TYR C 3 -9.92 12.78 -23.25
C TYR C 3 -11.32 12.22 -23.53
N PHE C 4 -12.33 12.71 -22.81
CA PHE C 4 -13.71 12.29 -22.99
C PHE C 4 -14.61 13.48 -23.33
N ARG C 5 -15.36 13.38 -24.43
CA ARG C 5 -16.32 14.41 -24.83
C ARG C 5 -17.45 14.55 -23.82
N TYR C 6 -18.02 13.41 -23.41
CA TYR C 6 -19.07 13.38 -22.40
C TYR C 6 -18.50 12.82 -21.09
N ARG C 7 -18.55 13.66 -20.05
CA ARG C 7 -18.02 13.34 -18.72
C ARG C 7 -19.19 13.49 -17.78
N GLY C 8 -19.97 12.43 -17.58
CA GLY C 8 -21.33 12.57 -17.07
C GLY C 8 -21.78 11.79 -15.87
N ILE C 9 -22.94 12.20 -15.37
CA ILE C 9 -23.70 11.44 -14.40
C ILE C 9 -25.02 11.09 -15.06
N ILE C 10 -25.40 9.81 -14.97
CA ILE C 10 -26.75 9.38 -15.37
C ILE C 10 -27.53 9.03 -14.11
N GLU C 11 -28.59 9.81 -13.82
CA GLU C 11 -29.51 9.42 -12.76
C GLU C 11 -30.42 8.35 -13.37
N GLY C 12 -29.94 7.10 -13.37
CA GLY C 12 -30.60 5.98 -14.05
C GLY C 12 -30.84 4.76 -13.17
N PHE C 13 -30.86 4.98 -11.87
CA PHE C 13 -30.96 3.88 -10.89
C PHE C 13 -32.41 3.60 -10.54
N TYR C 14 -32.64 2.43 -9.94
CA TYR C 14 -33.90 2.10 -9.27
C TYR C 14 -33.80 2.59 -7.82
N GLY C 15 -34.95 2.80 -7.20
CA GLY C 15 -35.05 3.38 -5.85
C GLY C 15 -35.45 4.84 -5.88
N LYS C 16 -35.40 5.46 -4.71
CA LYS C 16 -35.88 6.83 -4.50
C LYS C 16 -35.13 7.82 -5.38
N PRO C 17 -35.83 8.51 -6.32
CA PRO C 17 -35.13 9.51 -7.12
C PRO C 17 -34.53 10.65 -6.28
N TRP C 18 -33.47 11.25 -6.79
CA TRP C 18 -32.89 12.41 -6.13
C TRP C 18 -33.91 13.55 -6.03
N GLU C 19 -33.85 14.29 -4.92
CA GLU C 19 -34.67 15.48 -4.71
C GLU C 19 -34.23 16.57 -5.67
N HIS C 20 -35.16 17.49 -5.96
CA HIS C 20 -34.89 18.62 -6.85
C HIS C 20 -33.67 19.42 -6.41
N GLN C 21 -33.57 19.65 -5.09
CA GLN C 21 -32.45 20.41 -4.53
C GLN C 21 -31.10 19.67 -4.61
N GLU C 22 -31.16 18.35 -4.46
CA GLU C 22 -29.96 17.49 -4.58
C GLU C 22 -29.41 17.52 -6.00
N ARG C 23 -30.30 17.48 -6.99
CA ARG C 23 -29.90 17.62 -8.39
C ARG C 23 -29.23 18.96 -8.67
N LEU C 24 -29.82 20.04 -8.17
CA LEU C 24 -29.25 21.39 -8.34
C LEU C 24 -27.87 21.48 -7.69
N ASP C 25 -27.76 20.94 -6.48
CA ASP C 25 -26.49 20.84 -5.76
C ASP C 25 -25.47 19.94 -6.50
N MET C 26 -25.92 18.79 -7.00
CA MET C 26 -25.05 17.92 -7.79
C MET C 26 -24.50 18.63 -9.04
N PHE C 27 -25.29 19.51 -9.67
CA PHE C 27 -24.81 20.26 -10.83
C PHE C 27 -23.64 21.19 -10.47
N GLU C 28 -23.68 21.76 -9.27
CA GLU C 28 -22.56 22.57 -8.76
C GLU C 28 -21.32 21.71 -8.50
N PHE C 29 -21.51 20.55 -7.86
CA PHE C 29 -20.42 19.56 -7.70
C PHE C 29 -19.84 19.12 -9.06
N MET C 30 -20.72 18.87 -10.02
CA MET C 30 -20.29 18.50 -11.37
C MET C 30 -19.40 19.57 -12.02
N GLN C 31 -19.82 20.84 -11.93
CA GLN C 31 -19.02 21.94 -12.49
C GLN C 31 -17.67 22.08 -11.79
N ALA C 32 -17.65 21.94 -10.46
CA ALA C 32 -16.39 21.98 -9.70
C ALA C 32 -15.36 20.94 -10.15
N ASN C 33 -15.85 19.78 -10.61
CA ASN C 33 -15.02 18.66 -11.03
C ASN C 33 -14.99 18.42 -12.56
N ASN C 34 -15.49 19.38 -13.33
CA ASN C 34 -15.47 19.33 -14.80
C ASN C 34 -16.23 18.13 -15.38
N LEU C 35 -17.37 17.80 -14.77
CA LEU C 35 -18.33 16.86 -15.35
C LEU C 35 -19.32 17.72 -16.12
N ASN C 36 -19.54 17.39 -17.40
CA ASN C 36 -20.26 18.29 -18.33
C ASN C 36 -21.55 17.72 -18.93
N ALA C 37 -22.09 16.66 -18.33
CA ALA C 37 -23.24 15.97 -18.92
C ALA C 37 -24.09 15.27 -17.88
N TYR C 38 -25.41 15.48 -17.95
CA TYR C 38 -26.34 14.84 -17.04
C TYR C 38 -27.49 14.22 -17.84
N ILE C 39 -27.84 12.98 -17.52
CA ILE C 39 -29.01 12.33 -18.09
C ILE C 39 -30.07 12.11 -17.01
N TYR C 40 -31.26 12.62 -17.27
CA TYR C 40 -32.42 12.37 -16.43
C TYR C 40 -33.07 11.05 -16.84
N ALA C 41 -32.98 10.04 -15.96
CA ALA C 41 -33.59 8.73 -16.23
C ALA C 41 -33.92 7.88 -14.99
N PRO C 42 -34.48 8.48 -13.92
CA PRO C 42 -34.77 7.65 -12.74
C PRO C 42 -35.85 6.62 -13.04
N LYS C 43 -35.56 5.35 -12.75
CA LYS C 43 -36.46 4.24 -13.07
C LYS C 43 -37.81 4.33 -12.36
N GLN C 44 -37.84 4.90 -11.15
CA GLN C 44 -39.08 5.00 -10.35
C GLN C 44 -39.95 6.22 -10.65
N ASP C 45 -39.49 7.12 -11.52
CA ASP C 45 -40.37 8.15 -12.10
C ASP C 45 -41.28 7.41 -13.09
N LEU C 46 -42.57 7.29 -12.76
CA LEU C 46 -43.54 6.58 -13.62
C LEU C 46 -43.59 7.15 -15.04
N TYR C 47 -43.47 8.47 -15.13
CA TYR C 47 -43.53 9.17 -16.42
C TYR C 47 -42.30 8.96 -17.31
N HIS C 48 -41.20 8.51 -16.71
CA HIS C 48 -40.02 8.10 -17.47
C HIS C 48 -40.20 6.74 -18.18
N ARG C 49 -41.00 5.84 -17.58
CA ARG C 49 -41.00 4.43 -17.98
C ARG C 49 -42.40 3.83 -18.20
N GLU C 50 -43.11 3.44 -17.15
CA GLU C 50 -44.37 2.69 -17.31
C GLU C 50 -45.44 3.55 -17.95
N LEU C 51 -45.57 4.78 -17.45
CA LEU C 51 -46.50 5.76 -18.01
C LEU C 51 -45.76 6.74 -18.93
N TRP C 52 -44.92 6.22 -19.81
CA TRP C 52 -44.15 7.04 -20.77
C TRP C 52 -45.00 7.85 -21.75
N ARG C 53 -46.20 7.36 -22.05
CA ARG C 53 -47.13 8.09 -22.92
C ARG C 53 -47.73 9.34 -22.26
N GLU C 54 -47.84 9.34 -20.93
CA GLU C 54 -48.50 10.45 -20.21
C GLU C 54 -47.57 11.65 -20.13
N PRO C 55 -48.05 12.84 -20.57
CA PRO C 55 -47.20 14.04 -20.46
C PRO C 55 -47.09 14.54 -19.02
N TYR C 56 -45.95 15.13 -18.69
CA TYR C 56 -45.75 15.75 -17.38
C TYR C 56 -46.72 16.93 -17.17
N LYS C 57 -47.18 17.10 -15.94
CA LYS C 57 -48.01 18.26 -15.55
C LYS C 57 -47.12 19.51 -15.41
N GLU C 58 -47.74 20.69 -15.42
CA GLU C 58 -47.00 21.97 -15.40
C GLU C 58 -46.08 22.16 -14.19
N GLU C 59 -46.50 21.65 -13.03
CA GLU C 59 -45.70 21.71 -11.81
C GLU C 59 -44.35 21.00 -12.00
N GLN C 60 -44.39 19.79 -12.58
CA GLN C 60 -43.17 19.04 -12.91
C GLN C 60 -42.34 19.72 -14.01
N LEU C 61 -43.00 20.22 -15.05
CA LEU C 61 -42.30 20.88 -16.16
C LEU C 61 -41.54 22.13 -15.74
N GLN C 62 -42.08 22.84 -14.75
CA GLN C 62 -41.40 24.01 -14.16
C GLN C 62 -40.13 23.62 -13.39
N LEU C 63 -40.17 22.47 -12.69
CA LEU C 63 -38.98 21.93 -12.03
C LEU C 63 -37.91 21.54 -13.07
N PHE C 64 -38.34 20.84 -14.13
CA PHE C 64 -37.44 20.52 -15.24
C PHE C 64 -36.80 21.77 -15.86
N LYS C 65 -37.57 22.87 -15.99
CA LYS C 65 -37.05 24.14 -16.49
C LYS C 65 -35.96 24.69 -15.57
N GLU C 66 -36.18 24.62 -14.27
CA GLU C 66 -35.19 25.04 -13.28
C GLU C 66 -33.91 24.18 -13.37
N LEU C 67 -34.07 22.87 -13.48
CA LEU C 67 -32.94 21.96 -13.69
C LEU C 67 -32.16 22.28 -14.98
N ILE C 68 -32.90 22.43 -16.09
CA ILE C 68 -32.28 22.70 -17.39
C ILE C 68 -31.50 24.00 -17.36
N GLU C 69 -32.05 25.03 -16.73
CA GLU C 69 -31.36 26.33 -16.61
C GLU C 69 -30.13 26.24 -15.70
N LYS C 70 -30.24 25.49 -14.60
CA LYS C 70 -29.09 25.30 -13.70
C LYS C 70 -27.96 24.53 -14.41
N ALA C 71 -28.33 23.45 -15.11
CA ALA C 71 -27.39 22.68 -15.92
C ALA C 71 -26.62 23.55 -16.89
N GLY C 72 -27.35 24.40 -17.63
CA GLY C 72 -26.74 25.32 -18.58
C GLY C 72 -25.78 26.29 -17.93
N SER C 73 -26.21 26.88 -16.81
CA SER C 73 -25.36 27.80 -16.03
C SER C 73 -24.11 27.12 -15.45
N CYS C 74 -24.18 25.80 -15.26
CA CYS C 74 -23.05 25.00 -14.76
C CYS C 74 -22.22 24.29 -15.85
N GLY C 75 -22.47 24.59 -17.11
CA GLY C 75 -21.74 23.99 -18.23
C GLY C 75 -22.09 22.52 -18.46
N ILE C 76 -23.30 22.14 -18.07
CA ILE C 76 -23.77 20.76 -18.15
C ILE C 76 -24.77 20.65 -19.30
N ASN C 77 -24.57 19.68 -20.19
CA ASN C 77 -25.59 19.32 -21.18
C ASN C 77 -26.63 18.45 -20.51
N PHE C 78 -27.88 18.92 -20.48
CA PHE C 78 -28.99 18.17 -19.89
C PHE C 78 -29.62 17.29 -20.97
N THR C 79 -29.69 15.98 -20.70
CA THR C 79 -30.38 15.03 -21.58
C THR C 79 -31.60 14.49 -20.86
N PHE C 80 -32.75 14.58 -21.52
CA PHE C 80 -33.98 13.97 -21.04
C PHE C 80 -34.06 12.58 -21.66
N ALA C 81 -34.19 11.55 -20.84
CA ALA C 81 -34.39 10.20 -21.34
C ALA C 81 -35.80 9.69 -21.10
N ILE C 82 -36.23 8.78 -21.97
CA ILE C 82 -37.53 8.12 -21.92
C ILE C 82 -37.29 6.61 -22.17
N SER C 83 -38.10 5.77 -21.54
CA SER C 83 -37.97 4.32 -21.63
C SER C 83 -39.33 3.72 -21.98
N PRO C 84 -39.63 3.59 -23.29
CA PRO C 84 -40.93 3.14 -23.77
C PRO C 84 -41.07 1.64 -24.07
N GLY C 85 -39.99 0.88 -23.87
CA GLY C 85 -39.89 -0.48 -24.39
C GLY C 85 -40.73 -1.57 -23.73
N LEU C 86 -41.36 -1.28 -22.59
CA LEU C 86 -42.26 -2.25 -21.95
C LEU C 86 -43.57 -2.42 -22.72
N SER C 87 -44.03 -1.33 -23.35
CA SER C 87 -45.32 -1.34 -24.07
C SER C 87 -45.32 -0.71 -25.47
N LEU C 88 -44.18 -0.26 -25.98
CA LEU C 88 -44.13 0.42 -27.29
C LEU C 88 -44.49 -0.53 -28.42
N VAL C 89 -45.38 -0.08 -29.30
CA VAL C 89 -45.60 -0.70 -30.61
C VAL C 89 -44.65 0.01 -31.58
N TYR C 90 -43.53 -0.63 -31.88
CA TYR C 90 -42.46 -0.04 -32.70
C TYR C 90 -42.94 0.44 -34.07
N SER C 91 -43.80 -0.35 -34.73
CA SER C 91 -44.28 -0.05 -36.10
C SER C 91 -45.42 0.99 -36.15
N SER C 92 -46.00 1.33 -35.00
CA SER C 92 -47.15 2.23 -34.94
C SER C 92 -46.76 3.69 -35.13
N GLU C 93 -47.29 4.31 -36.17
CA GLU C 93 -47.09 5.75 -36.42
C GLU C 93 -47.60 6.60 -35.25
N GLU C 94 -48.73 6.20 -34.67
CA GLU C 94 -49.32 6.91 -33.52
C GLU C 94 -48.41 6.91 -32.28
N GLU C 95 -47.68 5.83 -32.05
CA GLU C 95 -46.72 5.74 -30.93
C GLU C 95 -45.58 6.74 -31.07
N LEU C 96 -45.01 6.86 -32.26
CA LEU C 96 -44.00 7.89 -32.58
C LEU C 96 -44.50 9.29 -32.20
N GLU C 97 -45.72 9.61 -32.64
CA GLU C 97 -46.31 10.93 -32.36
C GLU C 97 -46.45 11.16 -30.85
N THR C 98 -46.84 10.11 -30.13
CA THR C 98 -46.98 10.17 -28.67
C THR C 98 -45.63 10.43 -27.98
N LEU C 99 -44.56 9.76 -28.41
CA LEU C 99 -43.23 10.01 -27.86
C LEU C 99 -42.76 11.44 -28.15
N ILE C 100 -43.00 11.90 -29.38
CA ILE C 100 -42.63 13.28 -29.78
C ILE C 100 -43.42 14.32 -28.98
N ARG C 101 -44.67 14.02 -28.67
CA ARG C 101 -45.50 14.89 -27.82
C ARG C 101 -44.93 14.96 -26.40
N LYS C 102 -44.54 13.80 -25.86
CA LYS C 102 -43.94 13.71 -24.52
C LYS C 102 -42.67 14.56 -24.37
N ILE C 103 -41.79 14.50 -25.37
CA ILE C 103 -40.52 15.22 -25.32
C ILE C 103 -40.57 16.69 -25.79
N THR C 104 -41.68 17.11 -26.43
CA THR C 104 -41.80 18.47 -26.97
C THR C 104 -41.52 19.58 -25.95
N PRO C 105 -42.14 19.51 -24.74
CA PRO C 105 -41.80 20.52 -23.71
C PRO C 105 -40.29 20.68 -23.46
N PHE C 106 -39.55 19.57 -23.53
CA PHE C 106 -38.09 19.60 -23.38
C PHE C 106 -37.40 20.24 -24.58
N LEU C 107 -37.88 19.92 -25.79
CA LEU C 107 -37.37 20.56 -27.00
C LEU C 107 -37.56 22.08 -26.94
N GLU C 108 -38.73 22.52 -26.48
CA GLU C 108 -39.04 23.95 -26.35
C GLU C 108 -38.27 24.66 -25.23
N MET C 109 -37.83 23.91 -24.21
CA MET C 109 -36.98 24.46 -23.14
C MET C 109 -35.47 24.46 -23.47
N GLY C 110 -35.10 23.96 -24.65
CA GLY C 110 -33.72 24.06 -25.15
C GLY C 110 -32.93 22.77 -25.14
N VAL C 111 -33.55 21.68 -24.67
CA VAL C 111 -32.90 20.37 -24.66
C VAL C 111 -32.86 19.82 -26.09
N HIS C 112 -31.64 19.58 -26.59
CA HIS C 112 -31.42 18.97 -27.91
C HIS C 112 -30.97 17.51 -27.83
N SER C 113 -30.60 17.04 -26.63
CA SER C 113 -30.16 15.65 -26.42
C SER C 113 -31.28 14.85 -25.75
N ILE C 114 -31.66 13.74 -26.38
CA ILE C 114 -32.76 12.92 -25.92
C ILE C 114 -32.25 11.51 -25.76
N GLY C 115 -32.56 10.90 -24.61
CA GLY C 115 -32.25 9.49 -24.34
C GLY C 115 -33.46 8.62 -24.63
N ILE C 116 -33.27 7.54 -25.39
CA ILE C 116 -34.36 6.57 -25.62
C ILE C 116 -33.81 5.17 -25.26
N PHE C 117 -34.25 4.65 -24.11
CA PHE C 117 -33.63 3.44 -23.54
C PHE C 117 -34.52 2.22 -23.67
N PHE C 118 -33.90 1.07 -23.96
CA PHE C 118 -34.59 -0.22 -24.10
C PHE C 118 -33.96 -1.30 -23.22
N ASP C 119 -33.30 -0.89 -22.13
CA ASP C 119 -32.79 -1.82 -21.13
C ASP C 119 -33.93 -2.43 -20.30
N ASN C 120 -33.75 -3.69 -19.89
CA ASN C 120 -34.69 -4.39 -19.02
C ASN C 120 -36.12 -4.40 -19.59
N VAL C 121 -36.22 -4.94 -20.81
CA VAL C 121 -37.49 -5.22 -21.48
C VAL C 121 -37.38 -6.65 -22.01
N PRO C 122 -38.50 -7.26 -22.45
CA PRO C 122 -38.42 -8.59 -23.05
C PRO C 122 -37.52 -8.65 -24.29
N PHE C 123 -36.81 -9.77 -24.45
CA PHE C 123 -35.83 -9.93 -25.53
C PHE C 123 -36.44 -10.10 -26.92
N ASP C 124 -37.77 -10.30 -27.00
CA ASP C 124 -38.47 -10.48 -28.26
C ASP C 124 -39.67 -9.54 -28.35
N LEU C 125 -40.23 -9.42 -29.56
CA LEU C 125 -41.30 -8.48 -29.85
C LEU C 125 -42.63 -8.91 -29.20
N ILE C 126 -43.21 -7.99 -28.44
CA ILE C 126 -44.45 -8.24 -27.68
C ILE C 126 -45.69 -8.23 -28.58
N HIS C 127 -45.75 -7.26 -29.50
CA HIS C 127 -46.95 -7.02 -30.29
C HIS C 127 -46.90 -7.73 -31.65
N GLU C 128 -48.05 -8.27 -32.07
CA GLU C 128 -48.19 -9.00 -33.33
C GLU C 128 -47.86 -8.13 -34.55
N GLU C 129 -48.39 -6.90 -34.55
CA GLU C 129 -48.12 -5.92 -35.62
C GLU C 129 -46.62 -5.62 -35.84
N ASP C 130 -45.82 -5.70 -34.78
CA ASP C 130 -44.36 -5.57 -34.88
C ASP C 130 -43.70 -6.84 -35.41
N ARG C 131 -44.21 -8.01 -35.02
CA ARG C 131 -43.77 -9.28 -35.60
C ARG C 131 -44.07 -9.40 -37.10
N ASN C 132 -45.14 -8.75 -37.56
CA ASN C 132 -45.46 -8.66 -38.99
C ASN C 132 -44.57 -7.66 -39.74
N SER C 133 -44.10 -6.62 -39.03
CA SER C 133 -43.26 -5.57 -39.62
C SER C 133 -41.75 -5.82 -39.55
N TYR C 134 -41.29 -6.60 -38.57
CA TYR C 134 -39.84 -6.79 -38.32
C TYR C 134 -39.48 -8.24 -38.01
N SER C 135 -38.29 -8.66 -38.43
CA SER C 135 -37.76 -9.99 -38.13
C SER C 135 -37.32 -10.18 -36.68
N ASN C 136 -36.89 -9.09 -36.03
CA ASN C 136 -36.39 -9.15 -34.65
C ASN C 136 -36.35 -7.77 -33.96
N LEU C 137 -36.02 -7.79 -32.67
CA LEU C 137 -36.00 -6.60 -31.80
C LEU C 137 -35.11 -5.50 -32.34
N ALA C 138 -33.89 -5.87 -32.71
CA ALA C 138 -32.89 -4.93 -33.24
C ALA C 138 -33.38 -4.15 -34.44
N GLU C 139 -34.14 -4.80 -35.32
CA GLU C 139 -34.68 -4.17 -36.54
C GLU C 139 -35.78 -3.19 -36.20
N ALA C 140 -36.67 -3.59 -35.30
CA ALA C 140 -37.77 -2.75 -34.85
C ALA C 140 -37.23 -1.47 -34.20
N GLN C 141 -36.32 -1.65 -33.24
CA GLN C 141 -35.68 -0.54 -32.54
C GLN C 141 -34.92 0.40 -33.46
N ALA C 142 -34.12 -0.17 -34.37
CA ALA C 142 -33.35 0.62 -35.32
C ALA C 142 -34.26 1.49 -36.19
N ASP C 143 -35.35 0.90 -36.70
CA ASP C 143 -36.32 1.61 -37.52
C ASP C 143 -37.07 2.69 -36.72
N PHE C 144 -37.45 2.36 -35.49
CA PHE C 144 -38.10 3.34 -34.62
C PHE C 144 -37.18 4.53 -34.36
N LEU C 145 -35.94 4.25 -33.97
CA LEU C 145 -34.99 5.31 -33.61
C LEU C 145 -34.62 6.16 -34.82
N THR C 146 -34.46 5.53 -35.98
CA THR C 146 -34.24 6.24 -37.24
C THR C 146 -35.37 7.23 -37.52
N ARG C 147 -36.61 6.77 -37.39
CA ARG C 147 -37.79 7.62 -37.61
C ARG C 147 -37.93 8.74 -36.58
N VAL C 148 -37.56 8.48 -35.33
CA VAL C 148 -37.58 9.54 -34.31
C VAL C 148 -36.53 10.61 -34.65
N LEU C 149 -35.34 10.19 -35.06
CA LEU C 149 -34.26 11.10 -35.43
C LEU C 149 -34.65 11.97 -36.62
N GLN C 150 -35.12 11.33 -37.69
CA GLN C 150 -35.57 12.03 -38.88
C GLN C 150 -36.63 13.08 -38.58
N ARG C 151 -37.57 12.77 -37.68
CA ARG C 151 -38.55 13.76 -37.20
C ARG C 151 -37.88 14.94 -36.48
N LEU C 152 -36.96 14.65 -35.56
CA LEU C 152 -36.28 15.70 -34.80
C LEU C 152 -35.40 16.61 -35.66
N GLU C 153 -34.79 16.06 -36.72
CA GLU C 153 -34.01 16.89 -37.66
C GLU C 153 -34.88 17.90 -38.42
N SER C 154 -36.16 17.58 -38.60
CA SER C 154 -37.16 18.49 -39.17
C SER C 154 -37.90 19.36 -38.12
N THR C 155 -37.46 19.30 -36.85
CA THR C 155 -38.08 20.07 -35.75
C THR C 155 -37.11 21.08 -35.13
N ILE C 156 -35.90 20.63 -34.80
CA ILE C 156 -34.88 21.46 -34.15
C ILE C 156 -33.53 21.37 -34.86
N SER C 157 -32.62 22.26 -34.47
CA SER C 157 -31.24 22.26 -34.96
C SER C 157 -30.37 21.26 -34.18
N THR C 158 -29.64 20.41 -34.91
CA THR C 158 -28.69 19.44 -34.36
C THR C 158 -29.21 18.61 -33.17
N PRO C 159 -30.25 17.80 -33.43
CA PRO C 159 -30.73 16.88 -32.40
C PRO C 159 -29.74 15.74 -32.22
N GLN C 160 -29.73 15.16 -31.04
CA GLN C 160 -28.86 14.03 -30.71
C GLN C 160 -29.65 13.02 -29.93
N ILE C 161 -29.56 11.77 -30.34
CA ILE C 161 -30.18 10.66 -29.62
C ILE C 161 -29.07 9.77 -29.08
N ILE C 162 -29.22 9.40 -27.80
CA ILE C 162 -28.43 8.34 -27.20
C ILE C 162 -29.43 7.24 -26.85
N MET C 163 -29.13 6.01 -27.25
CA MET C 163 -30.01 4.89 -26.98
C MET C 163 -29.31 3.89 -26.10
N CYS C 164 -30.10 3.17 -25.30
CA CYS C 164 -29.60 2.02 -24.54
C CYS C 164 -30.17 0.77 -25.17
N PRO C 165 -29.29 -0.15 -25.62
CA PRO C 165 -29.80 -1.40 -26.20
C PRO C 165 -30.40 -2.33 -25.16
N THR C 166 -31.21 -3.28 -25.62
CA THR C 166 -31.80 -4.30 -24.76
C THR C 166 -30.75 -5.30 -24.30
N PHE C 167 -29.73 -5.54 -25.13
CA PHE C 167 -28.53 -6.26 -24.75
C PHE C 167 -27.41 -5.25 -24.61
N TYR C 168 -27.08 -4.90 -23.35
CA TYR C 168 -26.19 -3.77 -23.02
C TYR C 168 -24.90 -4.15 -22.27
N CYS C 169 -24.65 -5.45 -22.10
CA CYS C 169 -23.46 -5.94 -21.43
C CYS C 169 -23.11 -7.33 -21.90
N ASN C 170 -21.95 -7.81 -21.45
CA ASN C 170 -21.51 -9.19 -21.66
C ASN C 170 -20.97 -9.44 -23.08
N ASP C 171 -21.75 -10.04 -23.98
CA ASP C 171 -21.22 -10.50 -25.28
C ASP C 171 -21.29 -9.35 -26.31
N PRO C 172 -20.12 -8.77 -26.68
CA PRO C 172 -20.13 -7.67 -27.64
C PRO C 172 -20.35 -8.10 -29.10
N ASN C 173 -20.27 -9.41 -29.39
CA ASN C 173 -20.46 -9.93 -30.75
C ASN C 173 -21.82 -10.55 -31.00
N LEU C 174 -22.79 -10.25 -30.13
CA LEU C 174 -24.15 -10.76 -30.28
C LEU C 174 -24.79 -10.23 -31.56
N GLU C 175 -25.60 -11.08 -32.21
CA GLU C 175 -26.23 -10.74 -33.48
C GLU C 175 -27.05 -9.44 -33.41
N TYR C 176 -27.87 -9.33 -32.36
CA TYR C 176 -28.62 -8.12 -32.05
C TYR C 176 -27.74 -6.84 -32.15
N LEU C 177 -26.57 -6.88 -31.51
CA LEU C 177 -25.63 -5.74 -31.53
C LEU C 177 -25.06 -5.43 -32.92
N ARG C 178 -24.78 -6.49 -33.68
CA ARG C 178 -24.30 -6.34 -35.07
C ARG C 178 -25.38 -5.76 -35.98
N ILE C 179 -26.63 -6.19 -35.80
CA ILE C 179 -27.76 -5.62 -36.55
C ILE C 179 -27.94 -4.15 -36.19
N LEU C 180 -27.83 -3.84 -34.90
CA LEU C 180 -28.00 -2.47 -34.42
C LEU C 180 -26.91 -1.53 -34.98
N GLY C 181 -25.66 -1.99 -35.01
CA GLY C 181 -24.57 -1.20 -35.55
C GLY C 181 -24.71 -0.91 -37.03
N GLN C 182 -25.26 -1.88 -37.77
CA GLN C 182 -25.53 -1.75 -39.20
C GLN C 182 -26.69 -0.80 -39.49
N ARG C 183 -27.78 -0.91 -38.73
CA ARG C 183 -29.04 -0.21 -39.05
C ARG C 183 -29.30 1.11 -38.33
N LEU C 184 -28.66 1.34 -37.18
CA LEU C 184 -28.74 2.66 -36.54
C LEU C 184 -27.88 3.67 -37.28
N PRO C 185 -28.44 4.85 -37.65
CA PRO C 185 -27.60 5.94 -38.14
C PRO C 185 -26.41 6.21 -37.21
N LYS C 186 -25.24 6.47 -37.79
CA LYS C 186 -23.96 6.42 -37.05
C LYS C 186 -23.86 7.43 -35.91
N ASN C 187 -24.54 8.56 -36.06
CA ASN C 187 -24.49 9.62 -35.06
C ASN C 187 -25.47 9.44 -33.88
N ILE C 188 -26.27 8.37 -33.89
CA ILE C 188 -27.02 7.95 -32.71
C ILE C 188 -26.03 7.24 -31.79
N ASP C 189 -25.90 7.74 -30.56
CA ASP C 189 -24.99 7.17 -29.57
C ASP C 189 -25.60 5.90 -28.96
N VAL C 190 -24.75 4.95 -28.57
CA VAL C 190 -25.21 3.66 -28.04
C VAL C 190 -24.52 3.35 -26.72
N PHE C 191 -25.33 3.11 -25.69
CA PHE C 191 -24.83 2.79 -24.34
C PHE C 191 -24.35 1.35 -24.24
N TRP C 192 -23.49 1.11 -23.24
CA TRP C 192 -22.95 -0.20 -22.96
C TRP C 192 -22.37 -0.16 -21.54
N THR C 193 -22.60 -1.20 -20.75
CA THR C 193 -22.18 -1.23 -19.34
C THR C 193 -20.92 -2.05 -19.06
N GLY C 194 -20.49 -2.85 -20.03
CA GLY C 194 -19.20 -3.57 -19.96
C GLY C 194 -19.44 -5.07 -19.94
N PRO C 195 -18.45 -5.85 -19.45
CA PRO C 195 -18.67 -7.31 -19.38
C PRO C 195 -19.85 -7.76 -18.50
N ASN C 196 -20.17 -6.98 -17.47
CA ASN C 196 -21.31 -7.27 -16.57
C ASN C 196 -22.20 -6.05 -16.47
N VAL C 197 -23.31 -6.18 -15.75
CA VAL C 197 -24.21 -5.06 -15.48
C VAL C 197 -23.43 -4.00 -14.70
N CYS C 198 -22.87 -4.44 -13.58
CA CYS C 198 -21.89 -3.65 -12.84
C CYS C 198 -20.54 -4.31 -13.09
N SER C 199 -19.72 -3.70 -13.95
CA SER C 199 -18.52 -4.36 -14.46
C SER C 199 -17.36 -4.26 -13.47
N HIS C 200 -16.66 -5.38 -13.28
CA HIS C 200 -15.46 -5.41 -12.45
C HIS C 200 -14.37 -4.58 -13.08
N GLU C 201 -14.13 -4.82 -14.36
CA GLU C 201 -13.12 -4.09 -15.14
C GLU C 201 -13.67 -3.77 -16.51
N ILE C 202 -13.23 -2.65 -17.08
CA ILE C 202 -13.56 -2.30 -18.46
C ILE C 202 -12.23 -2.08 -19.18
N THR C 203 -11.94 -2.97 -20.15
CA THR C 203 -10.68 -2.96 -20.89
C THR C 203 -10.82 -2.35 -22.29
N THR C 204 -9.71 -1.86 -22.84
CA THR C 204 -9.67 -1.34 -24.21
C THR C 204 -10.01 -2.45 -25.19
N SER C 205 -9.45 -3.64 -24.96
CA SER C 205 -9.77 -4.83 -25.77
C SER C 205 -11.28 -5.08 -25.85
N HIS C 206 -11.96 -5.00 -24.70
CA HIS C 206 -13.39 -5.22 -24.65
C HIS C 206 -14.15 -4.16 -25.44
N MET C 207 -13.83 -2.90 -25.19
CA MET C 207 -14.54 -1.79 -25.87
C MET C 207 -14.20 -1.68 -27.36
N GLN C 208 -13.01 -2.17 -27.76
CA GLN C 208 -12.66 -2.37 -29.18
C GLN C 208 -13.65 -3.29 -29.88
N GLU C 209 -13.94 -4.43 -29.24
CA GLU C 209 -14.91 -5.38 -29.79
C GLU C 209 -16.29 -4.76 -29.91
N VAL C 210 -16.74 -4.09 -28.86
CA VAL C 210 -18.03 -3.40 -28.86
C VAL C 210 -18.08 -2.39 -30.01
N GLN C 211 -17.02 -1.60 -30.16
CA GLN C 211 -16.91 -0.60 -31.22
C GLN C 211 -17.07 -1.20 -32.62
N LYS C 212 -16.50 -2.39 -32.85
CA LYS C 212 -16.60 -3.06 -34.14
C LYS C 212 -18.04 -3.46 -34.46
N SER C 213 -18.71 -4.11 -33.51
CA SER C 213 -20.10 -4.52 -33.70
C SER C 213 -21.04 -3.35 -33.89
N LEU C 214 -20.85 -2.28 -33.11
CA LEU C 214 -21.71 -1.10 -33.22
C LEU C 214 -21.37 -0.19 -34.41
N GLN C 215 -20.19 -0.41 -35.01
CA GLN C 215 -19.64 0.44 -36.07
C GLN C 215 -19.51 1.91 -35.63
N ARG C 216 -19.26 2.10 -34.33
CA ARG C 216 -19.07 3.42 -33.74
C ARG C 216 -18.47 3.24 -32.34
N PRO C 217 -17.77 4.27 -31.81
CA PRO C 217 -17.39 4.23 -30.40
C PRO C 217 -18.63 4.21 -29.51
N ALA C 218 -18.66 3.32 -28.52
CA ALA C 218 -19.77 3.24 -27.57
C ALA C 218 -19.66 4.34 -26.52
N THR C 219 -20.77 4.65 -25.87
CA THR C 219 -20.78 5.49 -24.68
C THR C 219 -20.96 4.55 -23.50
N LEU C 220 -20.17 4.71 -22.46
CA LEU C 220 -20.27 3.82 -21.30
C LEU C 220 -21.31 4.32 -20.32
N TRP C 221 -22.27 3.44 -20.03
CA TRP C 221 -23.16 3.56 -18.89
C TRP C 221 -22.46 2.75 -17.81
N ASP C 222 -21.72 3.41 -16.94
CA ASP C 222 -20.91 2.69 -15.96
C ASP C 222 -21.68 2.60 -14.64
N ASN C 223 -22.05 1.38 -14.26
CA ASN C 223 -22.89 1.14 -13.08
C ASN C 223 -22.04 1.07 -11.81
N TYR C 224 -21.44 2.20 -11.48
CA TYR C 224 -20.76 2.42 -10.21
C TYR C 224 -20.83 3.94 -9.98
N PRO C 225 -21.17 4.42 -8.77
CA PRO C 225 -21.33 3.63 -7.54
C PRO C 225 -22.72 3.00 -7.24
N VAL C 226 -23.67 3.02 -8.17
CA VAL C 226 -25.03 2.47 -7.90
C VAL C 226 -25.08 1.31 -6.93
N ASN C 227 -25.94 1.41 -5.93
CA ASN C 227 -26.21 0.32 -5.00
C ASN C 227 -27.72 0.07 -4.87
N ASP C 228 -28.41 -0.09 -6.00
CA ASP C 228 -29.85 -0.35 -5.98
C ASP C 228 -30.14 -1.84 -5.94
N GLY C 229 -31.39 -2.19 -5.68
CA GLY C 229 -31.83 -3.58 -5.62
C GLY C 229 -31.08 -4.34 -4.55
N GLY C 230 -30.53 -5.52 -4.91
CA GLY C 230 -29.78 -6.34 -3.97
C GLY C 230 -28.45 -5.78 -3.49
N MET C 231 -27.97 -4.71 -4.11
CA MET C 231 -26.76 -4.01 -3.68
C MET C 231 -26.99 -2.94 -2.63
N MET C 232 -28.25 -2.62 -2.30
CA MET C 232 -28.55 -1.60 -1.25
C MET C 232 -27.79 -1.73 0.07
N PRO C 233 -27.55 -2.95 0.58
CA PRO C 233 -26.74 -3.11 1.80
C PRO C 233 -25.27 -2.66 1.70
N GLU C 234 -24.73 -2.53 0.49
CA GLU C 234 -23.34 -2.16 0.27
C GLU C 234 -23.16 -0.66 0.14
N LEU C 235 -22.27 -0.08 0.96
CA LEU C 235 -21.91 1.32 0.82
C LEU C 235 -20.77 1.44 -0.20
N HIS C 236 -21.13 1.83 -1.41
CA HIS C 236 -20.16 1.95 -2.51
C HIS C 236 -19.48 3.31 -2.48
N ILE C 237 -18.56 3.48 -1.53
CA ILE C 237 -17.79 4.72 -1.41
C ILE C 237 -16.34 4.62 -1.91
N GLY C 238 -15.93 3.44 -2.37
CA GLY C 238 -14.55 3.24 -2.83
C GLY C 238 -14.26 3.96 -4.13
N PRO C 239 -12.96 4.13 -4.47
CA PRO C 239 -12.62 4.88 -5.67
C PRO C 239 -13.05 4.18 -6.96
N TYR C 240 -13.36 4.98 -7.97
CA TYR C 240 -13.46 4.51 -9.35
C TYR C 240 -12.19 3.73 -9.69
N ASP C 241 -12.32 2.57 -10.32
CA ASP C 241 -11.17 1.70 -10.53
C ASP C 241 -11.36 0.69 -11.64
N HIS C 242 -10.23 0.18 -12.14
CA HIS C 242 -10.16 -0.93 -13.10
C HIS C 242 -10.72 -0.58 -14.46
N ARG C 243 -10.65 0.70 -14.82
CA ARG C 243 -11.01 1.18 -16.13
C ARG C 243 -9.70 1.52 -16.81
N ASP C 244 -9.46 0.91 -17.97
CA ASP C 244 -8.16 1.04 -18.64
C ASP C 244 -7.80 2.51 -18.89
N PRO C 245 -6.51 2.88 -18.74
CA PRO C 245 -6.10 4.27 -19.00
C PRO C 245 -6.37 4.79 -20.41
N GLU C 246 -6.50 3.89 -21.39
CA GLU C 246 -6.70 4.26 -22.79
C GLU C 246 -8.08 3.88 -23.34
N LEU C 247 -9.08 3.74 -22.47
CA LEU C 247 -10.48 3.56 -22.90
C LEU C 247 -10.96 4.71 -23.80
N HIS C 248 -10.49 5.92 -23.52
CA HIS C 248 -10.89 7.11 -24.30
C HIS C 248 -10.68 6.95 -25.82
N THR C 249 -9.67 6.18 -26.21
CA THR C 249 -9.46 5.83 -27.62
C THR C 249 -10.66 5.13 -28.28
N HIS C 250 -11.40 4.31 -27.52
CA HIS C 250 -12.53 3.53 -28.06
C HIS C 250 -13.90 3.92 -27.53
N VAL C 251 -13.96 4.93 -26.66
CA VAL C 251 -15.20 5.33 -26.00
C VAL C 251 -15.38 6.84 -26.15
N VAL C 252 -16.56 7.25 -26.59
CA VAL C 252 -16.90 8.68 -26.77
C VAL C 252 -17.14 9.41 -25.44
N GLY C 253 -17.61 8.67 -24.43
CA GLY C 253 -17.81 9.23 -23.11
C GLY C 253 -18.27 8.20 -22.10
N ILE C 254 -18.33 8.61 -20.83
CA ILE C 254 -18.78 7.73 -19.75
C ILE C 254 -19.75 8.49 -18.88
N TYR C 255 -20.92 7.88 -18.65
CA TYR C 255 -21.87 8.33 -17.64
C TYR C 255 -21.87 7.36 -16.45
N ALA C 256 -21.64 7.88 -15.25
CA ALA C 256 -21.68 7.06 -14.03
C ALA C 256 -23.09 7.04 -13.46
N ASN C 257 -23.63 5.84 -13.25
CA ASN C 257 -24.88 5.70 -12.51
C ASN C 257 -24.59 5.67 -10.99
N PRO C 258 -25.00 6.73 -10.26
CA PRO C 258 -24.64 6.85 -8.85
C PRO C 258 -25.62 6.18 -7.90
N MET C 259 -25.37 6.30 -6.60
CA MET C 259 -26.27 5.78 -5.58
C MET C 259 -27.46 6.72 -5.41
N ALA C 260 -28.57 6.16 -4.94
CA ALA C 260 -29.71 6.98 -4.47
C ALA C 260 -29.34 7.88 -3.27
N LEU C 261 -28.18 7.63 -2.64
CA LEU C 261 -27.53 8.55 -1.70
C LEU C 261 -26.61 9.53 -2.46
N PRO C 262 -27.09 10.77 -2.74
CA PRO C 262 -26.29 11.67 -3.58
C PRO C 262 -25.03 12.23 -2.94
N GLU C 263 -25.12 12.60 -1.66
CA GLU C 263 -23.98 13.18 -0.96
C GLU C 263 -22.87 12.14 -0.79
N ALA C 264 -23.25 10.92 -0.41
CA ALA C 264 -22.30 9.80 -0.33
C ALA C 264 -21.67 9.46 -1.68
N SER C 265 -22.42 9.61 -2.77
CA SER C 265 -21.90 9.38 -4.12
C SER C 265 -20.78 10.33 -4.52
N LYS C 266 -20.73 11.51 -3.91
CA LYS C 266 -19.71 12.51 -4.26
C LYS C 266 -18.29 12.03 -4.04
N LEU C 267 -18.09 11.12 -3.09
CA LEU C 267 -16.76 10.57 -2.80
C LEU C 267 -16.22 9.76 -4.01
N PRO C 268 -16.93 8.70 -4.45
CA PRO C 268 -16.48 8.00 -5.67
C PRO C 268 -16.61 8.80 -6.95
N LEU C 269 -17.63 9.65 -7.06
CA LEU C 269 -17.78 10.52 -8.24
C LEU C 269 -16.63 11.52 -8.40
N TYR C 270 -16.10 12.03 -7.28
CA TYR C 270 -14.88 12.84 -7.31
C TYR C 270 -13.75 12.08 -7.98
N THR C 271 -13.54 10.82 -7.60
CA THR C 271 -12.46 10.00 -8.15
C THR C 271 -12.69 9.67 -9.61
N PHE C 272 -13.95 9.37 -9.94
CA PHE C 272 -14.41 9.18 -11.32
C PHE C 272 -14.05 10.39 -12.19
N ALA C 273 -14.35 11.59 -11.70
CA ALA C 273 -14.03 12.84 -12.42
C ALA C 273 -12.54 13.07 -12.63
N GLN C 274 -11.72 12.74 -11.62
CA GLN C 274 -10.27 12.83 -11.77
C GLN C 274 -9.74 11.84 -12.79
N TYR C 275 -10.28 10.62 -12.81
CA TYR C 275 -9.92 9.63 -13.84
C TYR C 275 -10.23 10.17 -15.23
N LEU C 276 -11.43 10.70 -15.43
CA LEU C 276 -11.82 11.26 -16.73
C LEU C 276 -10.90 12.41 -17.15
N ASN C 277 -10.51 13.25 -16.20
CA ASN C 277 -9.64 14.40 -16.47
C ASN C 277 -8.24 14.02 -16.97
N SER C 278 -7.65 12.97 -16.39
CA SER C 278 -6.30 12.53 -16.77
C SER C 278 -6.12 11.03 -16.48
N PRO C 279 -6.67 10.17 -17.34
CA PRO C 279 -6.69 8.73 -17.05
C PRO C 279 -5.30 8.04 -16.96
N SER C 280 -4.30 8.56 -17.68
CA SER C 280 -2.93 8.01 -17.61
C SER C 280 -2.21 8.33 -16.30
N GLN C 281 -2.58 9.41 -15.62
CA GLN C 281 -1.99 9.77 -14.32
C GLN C 281 -2.92 9.47 -13.11
N TYR C 282 -4.04 8.81 -13.35
CA TYR C 282 -5.01 8.49 -12.28
C TYR C 282 -4.50 7.41 -11.33
N ASN C 283 -4.44 7.73 -10.02
CA ASN C 283 -4.20 6.73 -8.97
C ASN C 283 -5.40 6.73 -8.03
N PRO C 284 -6.10 5.59 -7.89
CA PRO C 284 -7.35 5.56 -7.10
C PRO C 284 -7.20 5.90 -5.62
N GLN C 285 -6.07 5.56 -5.00
CA GLN C 285 -5.85 5.84 -3.58
C GLN C 285 -5.51 7.31 -3.35
N ASP C 286 -4.64 7.86 -4.20
CA ASP C 286 -4.34 9.30 -4.19
C ASP C 286 -5.62 10.10 -4.38
N SER C 287 -6.44 9.67 -5.34
CA SER C 287 -7.66 10.40 -5.68
C SER C 287 -8.69 10.33 -4.55
N TRP C 288 -8.86 9.13 -3.99
CA TRP C 288 -9.80 8.92 -2.89
C TRP C 288 -9.45 9.77 -1.65
N ARG C 289 -8.15 9.91 -1.35
CA ARG C 289 -7.69 10.72 -0.21
C ARG C 289 -7.87 12.22 -0.41
N GLN C 290 -7.60 12.71 -1.62
CA GLN C 290 -7.89 14.09 -1.97
C GLN C 290 -9.41 14.36 -1.92
N ALA C 291 -10.20 13.39 -2.40
CA ALA C 291 -11.66 13.46 -2.34
C ALA C 291 -12.16 13.61 -0.90
N VAL C 292 -11.70 12.73 -0.02
CA VAL C 292 -12.06 12.76 1.42
C VAL C 292 -11.68 14.11 2.07
N SER C 293 -10.46 14.58 1.82
CA SER C 293 -9.98 15.87 2.36
C SER C 293 -10.84 17.06 1.93
N THR C 294 -11.04 17.21 0.62
CA THR C 294 -11.87 18.28 0.04
C THR C 294 -13.31 18.24 0.55
N LEU C 295 -13.93 17.07 0.44
CA LEU C 295 -15.37 16.92 0.74
C LEU C 295 -15.68 16.81 2.23
N LEU C 296 -14.84 16.09 2.98
CA LEU C 296 -15.10 15.78 4.39
C LEU C 296 -14.13 16.39 5.40
N GLY C 297 -12.96 16.85 4.95
CA GLY C 297 -11.96 17.47 5.83
C GLY C 297 -10.77 16.57 6.10
N GLU C 298 -9.57 17.16 6.07
CA GLU C 298 -8.31 16.50 6.43
C GLU C 298 -8.36 15.66 7.70
N ASP C 299 -8.98 16.20 8.74
CA ASP C 299 -9.01 15.56 10.06
C ASP C 299 -9.83 14.27 10.12
N ASN C 300 -10.64 14.02 9.09
CA ASN C 300 -11.38 12.75 8.99
C ASN C 300 -10.72 11.73 8.07
N LEU C 301 -9.53 12.03 7.54
CA LEU C 301 -8.88 11.19 6.53
C LEU C 301 -8.51 9.81 7.05
N SER C 302 -7.76 9.73 8.15
CA SER C 302 -7.30 8.42 8.67
C SER C 302 -8.47 7.58 9.19
N ALA C 303 -9.47 8.25 9.78
CA ALA C 303 -10.71 7.57 10.17
C ALA C 303 -11.50 7.04 8.96
N MET C 304 -11.54 7.82 7.88
CA MET C 304 -12.21 7.36 6.66
C MET C 304 -11.46 6.19 6.03
N GLU C 305 -10.13 6.30 5.93
CA GLU C 305 -9.29 5.19 5.48
C GLU C 305 -9.66 3.90 6.21
N LYS C 306 -9.72 3.97 7.54
CA LYS C 306 -10.02 2.79 8.36
C LYS C 306 -11.43 2.26 8.15
N PHE C 307 -12.41 3.16 8.13
CA PHE C 307 -13.80 2.80 7.94
C PHE C 307 -14.02 2.18 6.54
N TYR C 308 -13.30 2.70 5.54
CA TYR C 308 -13.40 2.19 4.17
C TYR C 308 -12.94 0.72 4.05
N GLN C 309 -12.02 0.28 4.89
CA GLN C 309 -11.59 -1.13 4.90
C GLN C 309 -12.73 -2.14 5.13
N SER C 310 -13.78 -1.71 5.84
CA SER C 310 -14.99 -2.52 6.06
C SER C 310 -16.13 -2.24 5.05
N ASN C 311 -15.91 -1.34 4.10
CA ASN C 311 -16.89 -1.02 3.05
C ASN C 311 -16.33 -1.14 1.64
N THR C 312 -15.50 -2.16 1.42
CA THR C 312 -14.86 -2.38 0.12
C THR C 312 -15.76 -3.10 -0.89
N ILE C 313 -16.76 -3.86 -0.40
CA ILE C 313 -17.52 -4.76 -1.27
C ILE C 313 -18.29 -3.95 -2.34
N SER C 314 -17.99 -4.27 -3.60
CA SER C 314 -18.68 -3.70 -4.75
C SER C 314 -18.28 -4.53 -5.96
N CYS C 315 -18.86 -4.24 -7.12
CA CYS C 315 -18.41 -4.84 -8.37
C CYS C 315 -16.90 -4.64 -8.62
N LEU C 316 -16.34 -3.53 -8.15
CA LEU C 316 -14.91 -3.23 -8.28
C LEU C 316 -14.04 -4.08 -7.34
N GLU C 317 -14.55 -4.40 -6.15
CA GLU C 317 -13.83 -5.25 -5.20
C GLU C 317 -14.81 -6.26 -4.64
N PRO C 318 -15.10 -7.33 -5.40
CA PRO C 318 -16.17 -8.25 -5.00
C PRO C 318 -15.85 -9.19 -3.83
N GLU C 319 -14.59 -9.35 -3.46
CA GLU C 319 -14.22 -10.32 -2.42
C GLU C 319 -14.59 -9.82 -1.02
N GLU C 320 -14.55 -10.73 -0.05
CA GLU C 320 -14.76 -10.34 1.34
C GLU C 320 -13.65 -9.36 1.75
N PRO C 321 -13.96 -8.37 2.61
CA PRO C 321 -12.97 -7.34 2.94
C PRO C 321 -11.60 -7.90 3.29
N ALA C 322 -10.57 -7.49 2.54
CA ALA C 322 -9.27 -8.18 2.56
C ALA C 322 -8.50 -7.96 3.86
N TYR C 323 -8.47 -6.72 4.34
CA TYR C 323 -7.74 -6.40 5.57
C TYR C 323 -8.22 -7.24 6.76
N LEU C 324 -9.53 -7.28 7.00
CA LEU C 324 -10.04 -8.03 8.14
C LEU C 324 -9.94 -9.54 7.93
N THR C 325 -10.13 -10.00 6.70
CA THR C 325 -9.96 -11.41 6.36
C THR C 325 -8.55 -11.88 6.73
N ASN C 326 -7.54 -11.12 6.30
CA ASN C 326 -6.15 -11.44 6.62
C ASN C 326 -5.87 -11.34 8.11
N LEU C 327 -6.40 -10.30 8.77
CA LEU C 327 -6.12 -10.07 10.19
C LEU C 327 -6.61 -11.21 11.07
N PHE C 328 -7.84 -11.67 10.84
CA PHE C 328 -8.41 -12.73 11.70
C PHE C 328 -7.77 -14.09 11.45
N LYS C 329 -7.39 -14.36 10.20
CA LYS C 329 -6.56 -15.52 9.88
C LYS C 329 -5.21 -15.46 10.63
N LYS C 330 -4.60 -14.27 10.66
CA LYS C 330 -3.35 -14.07 11.39
C LYS C 330 -3.52 -14.30 12.89
N VAL C 331 -4.57 -13.71 13.46
CA VAL C 331 -4.91 -13.86 14.89
C VAL C 331 -5.15 -15.33 15.25
N GLN C 332 -5.91 -16.03 14.42
CA GLN C 332 -6.19 -17.45 14.67
C GLN C 332 -4.90 -18.30 14.60
N GLU C 333 -4.01 -17.99 13.66
CA GLU C 333 -2.71 -18.69 13.61
C GLU C 333 -1.88 -18.43 14.86
N ASP C 334 -1.86 -17.18 15.32
CA ASP C 334 -1.19 -16.85 16.60
C ASP C 334 -1.71 -17.72 17.75
N PHE C 335 -3.02 -17.80 17.89
CA PHE C 335 -3.63 -18.66 18.92
C PHE C 335 -3.26 -20.14 18.74
N ALA C 336 -3.22 -20.60 17.48
CA ALA C 336 -2.86 -21.99 17.15
C ALA C 336 -1.34 -22.30 17.20
N SER C 337 -0.49 -21.31 17.49
CA SER C 337 0.97 -21.48 17.48
C SER C 337 1.66 -20.94 18.74
N PHE C 338 0.92 -20.95 19.85
CA PHE C 338 1.42 -20.47 21.17
C PHE C 338 1.84 -18.99 21.22
N ARG C 339 1.26 -18.18 20.33
CA ARG C 339 1.53 -16.75 20.29
C ARG C 339 0.27 -16.03 20.78
N PHE C 340 -0.13 -16.37 22.00
CA PHE C 340 -1.40 -15.88 22.59
C PHE C 340 -1.36 -14.38 22.82
N GLU C 341 -0.24 -13.91 23.35
CA GLU C 341 -0.05 -12.48 23.65
C GLU C 341 -0.11 -11.64 22.38
N GLN C 342 0.48 -12.15 21.30
CA GLN C 342 0.50 -11.44 20.01
C GLN C 342 -0.91 -11.37 19.39
N GLY C 343 -1.62 -12.49 19.42
CA GLY C 343 -2.99 -12.56 18.90
C GLY C 343 -3.96 -11.67 19.65
N LEU C 344 -3.88 -11.67 20.97
CA LEU C 344 -4.71 -10.81 21.81
C LEU C 344 -4.38 -9.32 21.61
N ARG C 345 -3.08 -9.00 21.47
CA ARG C 345 -2.64 -7.63 21.22
C ARG C 345 -3.19 -7.10 19.90
N THR C 346 -3.09 -7.91 18.85
CA THR C 346 -3.58 -7.55 17.52
C THR C 346 -5.08 -7.26 17.54
N LEU C 347 -5.83 -8.14 18.19
CA LEU C 347 -7.27 -7.97 18.33
C LEU C 347 -7.61 -6.70 19.13
N ARG C 348 -6.91 -6.50 20.26
CA ARG C 348 -7.08 -5.31 21.10
C ARG C 348 -6.83 -4.02 20.34
N GLU C 349 -5.68 -3.94 19.67
CA GLU C 349 -5.29 -2.76 18.90
C GLU C 349 -6.31 -2.46 17.78
N GLU C 350 -6.81 -3.52 17.13
CA GLU C 350 -7.81 -3.36 16.07
C GLU C 350 -9.15 -2.82 16.58
N ILE C 351 -9.58 -3.32 17.74
CA ILE C 351 -10.79 -2.81 18.39
C ILE C 351 -10.66 -1.31 18.69
N ILE C 352 -9.54 -0.91 19.31
CA ILE C 352 -9.27 0.50 19.62
C ILE C 352 -9.35 1.34 18.35
N SER C 353 -8.69 0.87 17.29
CA SER C 353 -8.67 1.54 15.99
C SER C 353 -10.08 1.77 15.44
N MET C 354 -10.93 0.75 15.56
CA MET C 354 -12.33 0.80 15.10
C MET C 354 -13.19 1.72 15.96
N GLN C 355 -12.99 1.69 17.28
CA GLN C 355 -13.68 2.59 18.23
C GLN C 355 -13.34 4.06 17.98
N THR C 356 -12.04 4.34 17.82
CA THR C 356 -11.53 5.67 17.49
C THR C 356 -12.13 6.17 16.18
N THR C 357 -12.14 5.29 15.18
CA THR C 357 -12.70 5.58 13.87
C THR C 357 -14.18 5.92 13.94
N TYR C 358 -14.96 5.08 14.62
CA TYR C 358 -16.39 5.36 14.77
C TYR C 358 -16.60 6.69 15.48
N SER C 359 -15.95 6.85 16.64
CA SER C 359 -16.12 8.06 17.46
C SER C 359 -15.84 9.35 16.68
N ARG C 360 -14.75 9.34 15.92
CA ARG C 360 -14.36 10.45 15.05
C ARG C 360 -15.45 10.80 14.04
N LEU C 361 -15.89 9.80 13.27
CA LEU C 361 -16.86 10.01 12.19
C LEU C 361 -18.26 10.32 12.74
N SER C 362 -18.62 9.71 13.87
CA SER C 362 -19.89 10.00 14.59
C SER C 362 -20.01 11.47 15.03
N THR C 363 -18.87 12.11 15.27
CA THR C 363 -18.81 13.53 15.67
C THR C 363 -19.19 14.51 14.53
N GLN C 364 -19.06 14.08 13.28
CA GLN C 364 -19.31 14.95 12.12
C GLN C 364 -20.81 14.99 11.77
N ASP C 365 -21.32 16.20 11.49
CA ASP C 365 -22.77 16.47 11.38
C ASP C 365 -23.33 16.60 9.97
N SER C 366 -22.44 16.68 8.98
CA SER C 366 -22.81 16.95 7.59
C SER C 366 -23.75 15.91 7.00
N LYS C 367 -24.30 16.24 5.83
CA LYS C 367 -25.22 15.36 5.13
C LYS C 367 -24.61 14.00 4.74
N PHE C 368 -23.34 14.01 4.33
CA PHE C 368 -22.61 12.76 4.05
C PHE C 368 -22.79 11.77 5.21
N PHE C 369 -22.47 12.22 6.43
CA PHE C 369 -22.55 11.33 7.61
C PHE C 369 -23.96 10.99 8.06
N TRP C 370 -24.94 11.83 7.72
CA TRP C 370 -26.36 11.44 7.82
C TRP C 370 -26.70 10.30 6.87
N GLU C 371 -26.23 10.36 5.63
CA GLU C 371 -26.52 9.30 4.63
C GLU C 371 -25.90 7.95 4.99
N ILE C 372 -24.66 7.96 5.47
CA ILE C 372 -23.94 6.71 5.79
C ILE C 372 -24.14 6.22 7.24
N ARG C 373 -25.07 6.81 7.99
CA ARG C 373 -25.28 6.48 9.40
C ARG C 373 -25.62 5.01 9.67
N PRO C 374 -26.47 4.39 8.82
CA PRO C 374 -26.77 2.96 9.05
C PRO C 374 -25.54 2.05 9.01
N TRP C 375 -24.55 2.42 8.20
CA TRP C 375 -23.30 1.67 8.11
C TRP C 375 -22.44 1.94 9.34
N LEU C 376 -22.41 3.19 9.79
CA LEU C 376 -21.71 3.55 11.05
C LEU C 376 -22.27 2.82 12.27
N GLU C 377 -23.60 2.76 12.37
CA GLU C 377 -24.27 2.10 13.49
C GLU C 377 -23.92 0.62 13.57
N GLU C 378 -24.04 -0.09 12.45
CA GLU C 378 -23.70 -1.51 12.41
C GLU C 378 -22.19 -1.76 12.53
N TYR C 379 -21.37 -0.83 12.05
CA TYR C 379 -19.91 -0.88 12.29
C TYR C 379 -19.58 -0.88 13.78
N LYS C 380 -20.17 0.04 14.55
CA LYS C 380 -20.00 0.06 16.00
C LYS C 380 -20.47 -1.24 16.66
N LEU C 381 -21.64 -1.74 16.24
CA LEU C 381 -22.13 -3.02 16.77
C LEU C 381 -21.12 -4.15 16.57
N TRP C 382 -20.59 -4.31 15.35
CA TRP C 382 -19.58 -5.35 15.11
C TRP C 382 -18.36 -5.18 16.00
N THR C 383 -17.98 -3.91 16.24
CA THR C 383 -16.89 -3.56 17.15
C THR C 383 -17.19 -3.95 18.61
N ASP C 384 -18.41 -3.68 19.06
CA ASP C 384 -18.87 -4.12 20.40
C ASP C 384 -18.73 -5.63 20.55
N TYR C 385 -19.04 -6.36 19.49
CA TYR C 385 -19.03 -7.83 19.55
C TYR C 385 -17.59 -8.37 19.58
N LEU C 386 -16.70 -7.76 18.80
CA LEU C 386 -15.28 -8.12 18.83
C LEU C 386 -14.67 -7.92 20.22
N ASP C 387 -15.09 -6.85 20.89
CA ASP C 387 -14.69 -6.56 22.26
C ASP C 387 -15.04 -7.70 23.21
N GLN C 388 -16.24 -8.27 23.06
CA GLN C 388 -16.65 -9.45 23.82
C GLN C 388 -15.88 -10.72 23.41
N ALA C 389 -15.50 -10.85 22.14
CA ALA C 389 -14.61 -11.95 21.72
C ALA C 389 -13.24 -11.86 22.40
N MET C 390 -12.73 -10.63 22.52
CA MET C 390 -11.49 -10.36 23.26
C MET C 390 -11.54 -10.87 24.69
N ILE C 391 -12.64 -10.56 25.38
CA ILE C 391 -12.83 -10.97 26.76
C ILE C 391 -12.88 -12.49 26.85
N THR C 392 -13.61 -13.11 25.92
CA THR C 392 -13.77 -14.56 25.91
C THR C 392 -12.43 -15.27 25.73
N PHE C 393 -11.67 -14.88 24.71
CA PHE C 393 -10.34 -15.45 24.44
C PHE C 393 -9.34 -15.24 25.58
N SER C 394 -9.30 -14.04 26.14
CA SER C 394 -8.40 -13.72 27.27
C SER C 394 -8.63 -14.66 28.46
N ASN C 395 -9.90 -14.88 28.79
CA ASN C 395 -10.27 -15.76 29.90
C ASN C 395 -10.13 -17.24 29.60
N LEU C 396 -10.24 -17.60 28.33
CA LEU C 396 -9.91 -18.95 27.88
C LEU C 396 -8.43 -19.27 28.15
N PHE C 397 -7.54 -18.34 27.80
CA PHE C 397 -6.08 -18.57 27.92
C PHE C 397 -5.54 -18.45 29.34
N THR C 398 -6.21 -17.70 30.22
CA THR C 398 -5.83 -17.64 31.63
C THR C 398 -6.02 -19.01 32.29
N GLY C 399 -7.26 -19.52 32.22
CA GLY C 399 -7.60 -20.85 32.74
C GLY C 399 -7.36 -21.94 31.71
N GLU C 410 -12.09 -17.75 39.64
CA GLU C 410 -11.88 -18.46 38.38
C GLU C 410 -12.60 -17.72 37.25
N SER C 411 -11.96 -17.64 36.08
CA SER C 411 -12.45 -16.88 34.92
C SER C 411 -13.29 -17.68 33.90
N LEU C 412 -13.63 -18.93 34.24
CA LEU C 412 -14.55 -19.74 33.43
C LEU C 412 -15.91 -19.05 33.31
N GLN C 413 -16.34 -18.37 34.37
CA GLN C 413 -17.60 -17.60 34.39
C GLN C 413 -17.62 -16.50 33.33
N LYS C 414 -16.53 -15.73 33.23
CA LYS C 414 -16.41 -14.67 32.22
C LYS C 414 -16.39 -15.23 30.79
N ALA C 415 -15.76 -16.40 30.61
CA ALA C 415 -15.73 -17.07 29.31
C ALA C 415 -17.11 -17.59 28.89
N LEU C 416 -17.74 -18.38 29.76
CA LEU C 416 -19.12 -18.87 29.57
C LEU C 416 -20.10 -17.75 29.27
N GLN C 417 -19.97 -16.66 30.03
CA GLN C 417 -20.81 -15.47 29.85
C GLN C 417 -20.62 -14.84 28.47
N GLY C 418 -19.38 -14.80 28.00
CA GLY C 418 -19.06 -14.32 26.65
C GLY C 418 -19.65 -15.18 25.56
N ARG C 419 -19.64 -16.50 25.73
CA ARG C 419 -20.25 -17.41 24.76
C ARG C 419 -21.74 -17.14 24.61
N THR C 420 -22.41 -16.96 25.75
CA THR C 420 -23.84 -16.60 25.78
C THR C 420 -24.09 -15.31 25.01
N TYR C 421 -23.31 -14.27 25.32
CA TYR C 421 -23.43 -12.99 24.65
C TYR C 421 -23.24 -13.13 23.13
N LEU C 422 -22.20 -13.85 22.72
CA LEU C 422 -21.88 -14.00 21.30
C LEU C 422 -22.98 -14.75 20.54
N ARG C 423 -23.49 -15.82 21.16
CA ARG C 423 -24.61 -16.59 20.60
C ARG C 423 -25.82 -15.70 20.34
N GLU C 424 -26.14 -14.86 21.32
CA GLU C 424 -27.23 -13.89 21.22
C GLU C 424 -27.03 -12.88 20.07
N VAL C 425 -25.89 -12.18 20.07
CA VAL C 425 -25.65 -11.14 19.05
C VAL C 425 -25.40 -11.69 17.62
N LEU C 426 -24.81 -12.88 17.49
CA LEU C 426 -24.69 -13.53 16.18
C LEU C 426 -26.06 -13.86 15.57
N LYS C 427 -27.04 -14.19 16.41
CA LYS C 427 -28.42 -14.36 15.95
C LYS C 427 -29.03 -13.02 15.53
N ASP C 428 -28.88 -11.98 16.36
CA ASP C 428 -29.36 -10.63 16.03
C ASP C 428 -28.74 -10.10 14.74
N ALA C 429 -27.46 -10.40 14.52
CA ALA C 429 -26.72 -9.95 13.34
C ALA C 429 -27.27 -10.49 12.01
N VAL C 430 -28.01 -11.60 12.04
CA VAL C 430 -28.75 -12.07 10.86
C VAL C 430 -29.67 -10.96 10.29
N ASP C 431 -30.21 -10.10 11.16
CA ASP C 431 -31.08 -8.97 10.77
C ASP C 431 -30.40 -7.66 10.43
N PHE C 432 -29.06 -7.60 10.41
CA PHE C 432 -28.37 -6.38 10.01
C PHE C 432 -28.78 -5.99 8.60
N ARG C 433 -28.99 -4.69 8.38
CA ARG C 433 -29.44 -4.16 7.10
C ARG C 433 -28.31 -3.88 6.11
N THR C 434 -27.08 -3.67 6.62
CA THR C 434 -25.93 -3.35 5.78
C THR C 434 -24.94 -4.50 5.69
N ARG C 435 -24.04 -4.38 4.73
CA ARG C 435 -22.97 -5.35 4.51
C ARG C 435 -21.62 -4.81 5.01
N VAL C 436 -21.66 -3.94 6.02
CA VAL C 436 -20.42 -3.46 6.65
C VAL C 436 -19.69 -4.65 7.30
N CYS C 437 -18.37 -4.69 7.09
CA CYS C 437 -17.49 -5.80 7.51
C CYS C 437 -17.75 -7.13 6.80
N GLY C 438 -18.52 -7.11 5.70
CA GLY C 438 -19.00 -8.34 5.08
C GLY C 438 -19.53 -9.33 6.08
N ASP C 439 -19.22 -10.60 5.87
CA ASP C 439 -19.40 -11.65 6.87
C ASP C 439 -18.09 -12.01 7.57
N VAL C 440 -17.09 -11.15 7.50
CA VAL C 440 -15.76 -11.46 8.01
C VAL C 440 -15.77 -11.44 9.54
N VAL C 441 -16.34 -10.40 10.13
CA VAL C 441 -16.44 -10.33 11.59
C VAL C 441 -17.41 -11.40 12.08
N ARG C 442 -18.53 -11.55 11.39
CA ARG C 442 -19.50 -12.64 11.68
C ARG C 442 -18.80 -13.99 11.79
N ASN C 443 -18.08 -14.38 10.74
CA ASN C 443 -17.44 -15.70 10.69
C ASN C 443 -16.38 -15.87 11.78
N PHE C 444 -15.66 -14.79 12.10
CA PHE C 444 -14.70 -14.81 13.19
C PHE C 444 -15.40 -15.07 14.53
N LEU C 445 -16.48 -14.33 14.78
CA LEU C 445 -17.27 -14.51 16.01
C LEU C 445 -17.89 -15.90 16.14
N GLN C 446 -18.41 -16.44 15.05
CA GLN C 446 -18.94 -17.80 15.04
C GLN C 446 -17.85 -18.81 15.41
N GLN C 447 -16.64 -18.58 14.93
CA GLN C 447 -15.50 -19.45 15.23
C GLN C 447 -15.07 -19.33 16.71
N VAL C 448 -15.23 -18.15 17.31
CA VAL C 448 -15.06 -18.01 18.77
C VAL C 448 -16.02 -18.96 19.49
N LEU C 449 -17.29 -18.97 19.08
CA LEU C 449 -18.29 -19.90 19.62
C LEU C 449 -17.85 -21.36 19.46
N ARG C 450 -17.41 -21.74 18.26
CA ARG C 450 -16.94 -23.12 18.01
C ARG C 450 -15.67 -23.45 18.81
N SER C 451 -14.78 -22.47 18.93
CA SER C 451 -13.49 -22.67 19.63
C SER C 451 -13.61 -22.83 21.14
N THR C 452 -14.77 -22.49 21.71
CA THR C 452 -15.00 -22.49 23.16
C THR C 452 -16.09 -23.50 23.59
N VAL C 453 -16.37 -24.48 22.73
CA VAL C 453 -17.29 -25.57 23.10
C VAL C 453 -16.83 -26.39 24.31
N SER C 454 -15.52 -26.65 24.43
CA SER C 454 -15.01 -27.56 25.45
C SER C 454 -15.02 -26.99 26.89
N ILE C 455 -15.16 -25.67 27.04
CA ILE C 455 -15.33 -25.09 28.38
C ILE C 455 -16.74 -25.31 28.95
N GLU C 456 -17.74 -25.42 28.08
CA GLU C 456 -19.08 -25.86 28.51
C GLU C 456 -19.06 -27.31 28.99
N LEU C 457 -18.41 -28.18 28.22
CA LEU C 457 -18.19 -29.57 28.62
C LEU C 457 -17.42 -29.65 29.95
N GLN C 458 -16.40 -28.82 30.08
CA GLN C 458 -15.59 -28.73 31.30
C GLN C 458 -16.42 -28.24 32.49
N ALA C 459 -17.29 -27.26 32.24
CA ALA C 459 -18.19 -26.73 33.26
C ALA C 459 -19.13 -27.77 33.85
N GLU C 460 -19.58 -28.72 33.02
CA GLU C 460 -20.50 -29.79 33.46
C GLU C 460 -19.82 -31.13 33.80
N GLY C 461 -18.48 -31.17 33.82
CA GLY C 461 -17.74 -32.39 34.08
C GLY C 461 -17.98 -33.49 33.05
N LYS C 462 -18.15 -33.09 31.80
CA LYS C 462 -18.51 -34.01 30.69
C LYS C 462 -17.34 -34.39 29.78
N GLU C 463 -16.15 -33.83 30.01
CA GLU C 463 -15.00 -34.10 29.13
C GLU C 463 -14.66 -35.58 28.99
N TRP C 464 -14.73 -36.32 30.09
CA TRP C 464 -14.39 -37.76 30.12
C TRP C 464 -15.23 -38.66 29.20
N THR C 465 -16.46 -38.26 28.88
CA THR C 465 -17.35 -39.06 28.02
C THR C 465 -17.91 -38.36 26.77
N ALA C 466 -17.66 -37.07 26.61
CA ALA C 466 -18.14 -36.35 25.42
C ALA C 466 -17.24 -36.65 24.22
N LEU C 467 -17.85 -37.02 23.08
CA LEU C 467 -17.14 -37.21 21.82
C LEU C 467 -17.31 -35.97 20.95
N PRO C 468 -16.38 -35.74 19.99
CA PRO C 468 -16.63 -34.72 18.97
C PRO C 468 -17.93 -35.02 18.21
N PRO C 469 -18.73 -34.01 17.87
CA PRO C 469 -18.39 -32.58 17.95
C PRO C 469 -18.58 -31.89 19.32
N GLY C 470 -18.83 -32.67 20.37
CA GLY C 470 -18.94 -32.14 21.75
C GLY C 470 -20.26 -32.51 22.39
N ILE C 471 -20.61 -33.79 22.28
CA ILE C 471 -21.88 -34.31 22.78
C ILE C 471 -21.65 -35.72 23.30
N VAL C 472 -22.57 -36.18 24.13
CA VAL C 472 -22.56 -37.56 24.64
C VAL C 472 -23.64 -38.30 23.86
N ARG C 473 -23.42 -39.58 23.59
CA ARG C 473 -24.32 -40.34 22.73
C ARG C 473 -24.23 -41.85 22.88
N ASP C 474 -25.21 -42.54 22.31
CA ASP C 474 -25.24 -44.01 22.31
C ASP C 474 -26.25 -44.49 21.25
N GLU D 2 -0.77 -3.83 -1.04
CA GLU D 2 -1.87 -4.51 -0.27
C GLU D 2 -1.70 -4.32 1.25
N TYR D 3 -0.71 -4.96 1.86
CA TYR D 3 -0.41 -4.70 3.28
C TYR D 3 0.20 -3.31 3.45
N PHE D 4 1.19 -2.99 2.62
CA PHE D 4 1.84 -1.68 2.61
C PHE D 4 1.57 -0.98 1.27
N ARG D 5 1.14 0.27 1.34
CA ARG D 5 0.88 1.06 0.13
C ARG D 5 2.19 1.41 -0.59
N TYR D 6 3.21 1.78 0.16
CA TYR D 6 4.55 2.10 -0.37
C TYR D 6 5.56 1.05 0.12
N ARG D 7 6.15 0.34 -0.84
CA ARG D 7 7.12 -0.72 -0.58
C ARG D 7 8.38 -0.27 -1.28
N GLY D 8 9.28 0.36 -0.52
CA GLY D 8 10.22 1.28 -1.13
C GLY D 8 11.70 1.11 -0.88
N ILE D 9 12.51 1.64 -1.80
CA ILE D 9 13.93 1.86 -1.55
C ILE D 9 14.16 3.37 -1.53
N ILE D 10 14.74 3.86 -0.44
CA ILE D 10 15.25 5.24 -0.38
C ILE D 10 16.76 5.18 -0.54
N GLU D 11 17.27 5.67 -1.67
CA GLU D 11 18.70 5.91 -1.81
C GLU D 11 19.01 7.19 -1.02
N GLY D 12 19.37 6.98 0.25
CA GLY D 12 19.43 8.03 1.26
C GLY D 12 20.70 8.00 2.10
N PHE D 13 21.72 7.29 1.64
CA PHE D 13 22.89 6.97 2.47
C PHE D 13 24.01 7.99 2.20
N TYR D 14 24.99 8.03 3.10
CA TYR D 14 26.25 8.72 2.85
C TYR D 14 27.20 7.76 2.12
N GLY D 15 28.10 8.31 1.33
CA GLY D 15 29.09 7.54 0.58
C GLY D 15 28.78 7.65 -0.89
N LYS D 16 29.43 6.79 -1.67
CA LYS D 16 29.35 6.83 -3.13
C LYS D 16 27.91 6.56 -3.60
N PRO D 17 27.23 7.56 -4.21
CA PRO D 17 25.89 7.27 -4.71
C PRO D 17 25.90 6.13 -5.73
N TRP D 18 24.76 5.48 -5.93
CA TRP D 18 24.68 4.44 -6.95
C TRP D 18 24.84 5.07 -8.33
N GLU D 19 25.47 4.35 -9.24
CA GLU D 19 25.66 4.84 -10.58
C GLU D 19 24.37 4.71 -11.35
N HIS D 20 24.24 5.50 -12.41
CA HIS D 20 23.02 5.57 -13.20
C HIS D 20 22.52 4.19 -13.65
N GLN D 21 23.41 3.35 -14.17
CA GLN D 21 23.03 2.01 -14.63
C GLN D 21 22.72 1.08 -13.46
N GLU D 22 23.36 1.32 -12.32
CA GLU D 22 23.07 0.57 -11.09
C GLU D 22 21.64 0.85 -10.60
N ARG D 23 21.19 2.10 -10.74
CA ARG D 23 19.80 2.47 -10.41
C ARG D 23 18.78 1.85 -11.36
N LEU D 24 19.07 1.89 -12.66
CA LEU D 24 18.19 1.30 -13.69
C LEU D 24 18.03 -0.22 -13.48
N ASP D 25 19.15 -0.87 -13.19
CA ASP D 25 19.15 -2.29 -12.84
C ASP D 25 18.35 -2.58 -11.56
N MET D 26 18.56 -1.76 -10.53
CA MET D 26 17.81 -1.88 -9.27
C MET D 26 16.30 -1.73 -9.47
N PHE D 27 15.87 -0.88 -10.40
CA PHE D 27 14.44 -0.78 -10.74
C PHE D 27 13.87 -2.08 -11.29
N GLU D 28 14.68 -2.83 -12.07
CA GLU D 28 14.27 -4.16 -12.54
C GLU D 28 14.20 -5.17 -11.40
N PHE D 29 15.16 -5.12 -10.49
CA PHE D 29 15.12 -5.93 -9.26
C PHE D 29 13.85 -5.59 -8.46
N MET D 30 13.54 -4.30 -8.34
CA MET D 30 12.36 -3.84 -7.61
C MET D 30 11.05 -4.37 -8.21
N GLN D 31 10.88 -4.23 -9.52
CA GLN D 31 9.70 -4.77 -10.20
C GLN D 31 9.59 -6.30 -10.03
N ALA D 32 10.72 -7.01 -10.09
CA ALA D 32 10.73 -8.47 -9.91
C ALA D 32 10.25 -8.90 -8.52
N ASN D 33 10.41 -8.02 -7.53
CA ASN D 33 10.09 -8.34 -6.14
C ASN D 33 8.94 -7.50 -5.57
N ASN D 34 8.19 -6.83 -6.45
CA ASN D 34 7.05 -5.98 -6.10
C ASN D 34 7.36 -4.86 -5.08
N LEU D 35 8.50 -4.20 -5.27
CA LEU D 35 8.79 -2.92 -4.61
C LEU D 35 8.35 -1.85 -5.58
N ASN D 36 7.56 -0.89 -5.10
CA ASN D 36 6.79 0.02 -5.97
C ASN D 36 7.11 1.50 -5.78
N ALA D 37 8.19 1.81 -5.07
CA ALA D 37 8.49 3.21 -4.74
C ALA D 37 9.99 3.41 -4.56
N TYR D 38 10.52 4.50 -5.10
CA TYR D 38 11.92 4.88 -4.95
C TYR D 38 12.03 6.36 -4.62
N ILE D 39 12.89 6.69 -3.64
CA ILE D 39 13.17 8.08 -3.29
C ILE D 39 14.64 8.35 -3.62
N TYR D 40 14.87 9.37 -4.44
CA TYR D 40 16.22 9.85 -4.76
C TYR D 40 16.67 10.83 -3.67
N ALA D 41 17.66 10.43 -2.86
CA ALA D 41 18.22 11.30 -1.82
C ALA D 41 19.68 11.00 -1.43
N PRO D 42 20.58 10.78 -2.40
CA PRO D 42 21.95 10.47 -2.00
C PRO D 42 22.59 11.66 -1.27
N LYS D 43 23.08 11.43 -0.05
CA LYS D 43 23.68 12.51 0.76
C LYS D 43 24.92 13.13 0.09
N GLN D 44 25.67 12.34 -0.69
CA GLN D 44 26.88 12.82 -1.39
C GLN D 44 26.62 13.41 -2.79
N ASP D 45 25.36 13.67 -3.13
CA ASP D 45 25.01 14.53 -4.24
C ASP D 45 24.94 15.94 -3.68
N LEU D 46 25.94 16.76 -3.98
CA LEU D 46 25.97 18.16 -3.54
C LEU D 46 24.69 18.92 -3.84
N TYR D 47 24.11 18.65 -5.01
CA TYR D 47 22.86 19.30 -5.44
C TYR D 47 21.61 18.84 -4.65
N HIS D 48 21.69 17.69 -3.99
CA HIS D 48 20.62 17.25 -3.08
C HIS D 48 20.60 18.06 -1.79
N ARG D 49 21.78 18.44 -1.28
CA ARG D 49 21.90 18.90 0.10
C ARG D 49 22.70 20.21 0.28
N GLU D 50 24.03 20.16 0.23
CA GLU D 50 24.84 21.36 0.51
C GLU D 50 24.52 22.48 -0.48
N LEU D 51 24.54 22.12 -1.76
CA LEU D 51 24.23 23.04 -2.86
C LEU D 51 22.79 22.84 -3.34
N TRP D 52 21.85 22.82 -2.40
CA TRP D 52 20.43 22.56 -2.71
C TRP D 52 19.78 23.62 -3.59
N ARG D 53 20.27 24.85 -3.49
CA ARG D 53 19.72 25.99 -4.23
C ARG D 53 20.02 25.91 -5.73
N GLU D 54 21.16 25.31 -6.09
CA GLU D 54 21.64 25.29 -7.47
C GLU D 54 20.86 24.28 -8.30
N PRO D 55 20.33 24.70 -9.47
CA PRO D 55 19.63 23.71 -10.32
C PRO D 55 20.59 22.70 -10.94
N TYR D 56 20.07 21.53 -11.30
CA TYR D 56 20.86 20.53 -12.01
C TYR D 56 21.13 21.01 -13.44
N LYS D 57 22.28 20.62 -13.99
CA LYS D 57 22.61 20.89 -15.40
C LYS D 57 21.75 20.02 -16.32
N GLU D 58 21.74 20.36 -17.60
CA GLU D 58 20.90 19.66 -18.59
C GLU D 58 21.21 18.17 -18.70
N GLU D 59 22.50 17.84 -18.72
CA GLU D 59 22.96 16.46 -18.78
C GLU D 59 22.39 15.62 -17.64
N GLN D 60 22.46 16.16 -16.43
CA GLN D 60 21.93 15.49 -15.24
C GLN D 60 20.41 15.37 -15.28
N LEU D 61 19.72 16.42 -15.72
CA LEU D 61 18.26 16.36 -15.91
C LEU D 61 17.83 15.29 -16.91
N GLN D 62 18.64 15.11 -17.96
CA GLN D 62 18.39 14.06 -18.94
C GLN D 62 18.53 12.66 -18.33
N LEU D 63 19.50 12.47 -17.44
CA LEU D 63 19.65 11.20 -16.69
C LEU D 63 18.45 10.96 -15.77
N PHE D 64 18.05 11.97 -15.01
CA PHE D 64 16.83 11.91 -14.19
C PHE D 64 15.60 11.54 -15.02
N LYS D 65 15.51 12.09 -16.23
CA LYS D 65 14.43 11.76 -17.15
C LYS D 65 14.41 10.26 -17.48
N GLU D 66 15.58 9.66 -17.72
CA GLU D 66 15.67 8.21 -17.96
C GLU D 66 15.22 7.39 -16.75
N LEU D 67 15.67 7.76 -15.55
CA LEU D 67 15.25 7.11 -14.31
C LEU D 67 13.75 7.15 -14.13
N ILE D 68 13.15 8.34 -14.28
CA ILE D 68 11.73 8.53 -14.08
C ILE D 68 10.92 7.68 -15.07
N GLU D 69 11.36 7.63 -16.32
CA GLU D 69 10.72 6.80 -17.34
C GLU D 69 10.87 5.30 -17.05
N LYS D 70 12.07 4.89 -16.65
CA LYS D 70 12.33 3.50 -16.25
C LYS D 70 11.54 3.10 -15.01
N ALA D 71 11.41 4.02 -14.06
CA ALA D 71 10.60 3.80 -12.86
C ALA D 71 9.14 3.57 -13.26
N GLY D 72 8.59 4.48 -14.07
CA GLY D 72 7.22 4.37 -14.55
C GLY D 72 6.91 3.05 -15.26
N SER D 73 7.83 2.61 -16.11
CA SER D 73 7.66 1.32 -16.81
C SER D 73 7.87 0.11 -15.90
N CYS D 74 8.54 0.30 -14.75
CA CYS D 74 8.71 -0.76 -13.74
C CYS D 74 7.67 -0.75 -12.60
N GLY D 75 6.59 0.03 -12.74
CA GLY D 75 5.58 0.18 -11.69
C GLY D 75 6.07 0.88 -10.42
N ILE D 76 7.04 1.79 -10.56
CA ILE D 76 7.69 2.43 -9.43
C ILE D 76 7.34 3.92 -9.39
N ASN D 77 6.79 4.38 -8.26
CA ASN D 77 6.56 5.81 -8.03
C ASN D 77 7.88 6.48 -7.65
N PHE D 78 8.30 7.45 -8.47
CA PHE D 78 9.57 8.15 -8.29
C PHE D 78 9.36 9.41 -7.45
N THR D 79 10.04 9.48 -6.31
CA THR D 79 10.07 10.68 -5.48
C THR D 79 11.44 11.35 -5.62
N PHE D 80 11.45 12.64 -5.99
CA PHE D 80 12.67 13.44 -5.92
C PHE D 80 12.68 14.13 -4.56
N ALA D 81 13.78 13.98 -3.82
CA ALA D 81 13.91 14.61 -2.50
C ALA D 81 15.00 15.66 -2.49
N ILE D 82 14.82 16.64 -1.62
CA ILE D 82 15.76 17.74 -1.44
C ILE D 82 15.95 17.96 0.07
N SER D 83 17.18 18.29 0.47
CA SER D 83 17.54 18.50 1.87
C SER D 83 18.10 19.91 2.06
N PRO D 84 17.22 20.91 2.31
CA PRO D 84 17.63 22.31 2.39
C PRO D 84 17.99 22.86 3.78
N GLY D 85 17.80 22.06 4.83
CA GLY D 85 17.84 22.54 6.21
C GLY D 85 19.18 22.96 6.80
N LEU D 86 20.30 22.67 6.14
CA LEU D 86 21.61 23.15 6.64
C LEU D 86 21.78 24.66 6.50
N SER D 87 21.09 25.28 5.55
CA SER D 87 21.18 26.74 5.32
C SER D 87 19.84 27.48 5.11
N LEU D 88 18.72 26.76 5.07
CA LEU D 88 17.42 27.35 4.75
C LEU D 88 16.98 28.44 5.72
N VAL D 89 16.57 29.59 5.16
CA VAL D 89 15.82 30.61 5.90
C VAL D 89 14.33 30.27 5.69
N TYR D 90 13.73 29.69 6.72
CA TYR D 90 12.35 29.17 6.64
C TYR D 90 11.33 30.26 6.31
N SER D 91 11.47 31.41 6.97
CA SER D 91 10.55 32.55 6.80
C SER D 91 10.61 33.24 5.43
N SER D 92 11.74 33.14 4.75
CA SER D 92 11.99 33.82 3.47
C SER D 92 11.18 33.25 2.31
N GLU D 93 10.41 34.11 1.64
CA GLU D 93 9.64 33.72 0.45
C GLU D 93 10.57 33.51 -0.75
N GLU D 94 11.71 34.20 -0.75
CA GLU D 94 12.78 34.00 -1.74
C GLU D 94 13.34 32.57 -1.76
N GLU D 95 13.45 31.98 -0.57
CA GLU D 95 13.93 30.60 -0.41
C GLU D 95 12.92 29.58 -0.96
N LEU D 96 11.65 29.80 -0.69
CA LEU D 96 10.56 29.00 -1.27
C LEU D 96 10.64 28.96 -2.79
N GLU D 97 10.82 30.14 -3.40
CA GLU D 97 10.95 30.25 -4.87
C GLU D 97 12.17 29.51 -5.39
N THR D 98 13.28 29.59 -4.66
CA THR D 98 14.50 28.86 -5.00
C THR D 98 14.30 27.35 -4.95
N LEU D 99 13.54 26.87 -3.96
CA LEU D 99 13.21 25.44 -3.86
C LEU D 99 12.24 25.06 -4.97
N ILE D 100 11.22 25.88 -5.20
CA ILE D 100 10.26 25.62 -6.28
C ILE D 100 10.96 25.57 -7.65
N ARG D 101 11.95 26.45 -7.85
CA ARG D 101 12.78 26.44 -9.05
C ARG D 101 13.54 25.12 -9.21
N LYS D 102 14.23 24.71 -8.14
CA LYS D 102 15.01 23.46 -8.14
C LYS D 102 14.18 22.22 -8.52
N ILE D 103 12.95 22.13 -8.02
CA ILE D 103 12.09 20.95 -8.21
C ILE D 103 11.19 21.00 -9.44
N THR D 104 10.99 22.19 -10.01
CA THR D 104 10.09 22.37 -11.16
C THR D 104 10.34 21.40 -12.33
N PRO D 105 11.62 21.19 -12.72
CA PRO D 105 11.91 20.25 -13.81
C PRO D 105 11.35 18.83 -13.58
N PHE D 106 11.35 18.39 -12.32
CA PHE D 106 10.83 17.08 -11.94
C PHE D 106 9.31 17.06 -12.03
N LEU D 107 8.67 18.13 -11.55
CA LEU D 107 7.23 18.34 -11.74
C LEU D 107 6.84 18.29 -13.22
N GLU D 108 7.67 18.89 -14.08
CA GLU D 108 7.45 18.86 -15.54
C GLU D 108 7.70 17.48 -16.17
N MET D 109 8.58 16.67 -15.57
CA MET D 109 8.79 15.29 -16.02
C MET D 109 7.75 14.29 -15.48
N GLY D 110 6.82 14.73 -14.64
CA GLY D 110 5.72 13.88 -14.17
C GLY D 110 5.81 13.41 -12.73
N VAL D 111 6.82 13.89 -11.99
CA VAL D 111 6.97 13.58 -10.57
C VAL D 111 5.94 14.37 -9.77
N HIS D 112 5.02 13.66 -9.11
CA HIS D 112 4.04 14.29 -8.20
C HIS D 112 4.41 14.14 -6.71
N SER D 113 5.39 13.28 -6.41
CA SER D 113 5.87 13.04 -5.04
C SER D 113 7.21 13.75 -4.79
N ILE D 114 7.27 14.56 -3.73
CA ILE D 114 8.46 15.36 -3.41
C ILE D 114 8.87 15.12 -1.96
N GLY D 115 10.15 14.82 -1.72
CA GLY D 115 10.70 14.73 -0.37
C GLY D 115 11.38 16.03 0.05
N ILE D 116 11.06 16.52 1.24
CA ILE D 116 11.76 17.68 1.81
C ILE D 116 12.25 17.28 3.20
N PHE D 117 13.54 17.02 3.31
CA PHE D 117 14.09 16.35 4.49
C PHE D 117 14.88 17.32 5.36
N PHE D 118 14.68 17.22 6.67
CA PHE D 118 15.36 18.08 7.65
C PHE D 118 16.17 17.28 8.66
N ASP D 119 16.68 16.12 8.23
CA ASP D 119 17.47 15.23 9.12
C ASP D 119 18.92 15.70 9.18
N ASN D 120 19.54 15.54 10.33
CA ASN D 120 20.94 15.91 10.56
C ASN D 120 21.23 17.39 10.26
N VAL D 121 20.38 18.24 10.82
CA VAL D 121 20.59 19.68 10.79
C VAL D 121 20.68 20.14 12.25
N PRO D 122 21.43 21.22 12.53
CA PRO D 122 21.49 21.75 13.89
C PRO D 122 20.10 21.91 14.51
N PHE D 123 19.99 21.62 15.81
CA PHE D 123 18.68 21.54 16.47
C PHE D 123 18.00 22.90 16.66
N ASP D 124 18.78 23.98 16.64
CA ASP D 124 18.24 25.35 16.77
C ASP D 124 18.17 26.08 15.43
N LEU D 125 17.23 27.02 15.34
CA LEU D 125 17.14 27.94 14.21
C LEU D 125 18.38 28.82 14.15
N ILE D 126 18.84 29.15 12.94
CA ILE D 126 20.07 29.94 12.75
C ILE D 126 19.82 31.18 11.89
N HIS D 127 18.62 31.77 11.99
CA HIS D 127 18.28 33.01 11.28
C HIS D 127 17.28 33.85 12.10
N GLU D 128 17.45 35.18 12.05
CA GLU D 128 16.60 36.11 12.81
C GLU D 128 15.16 36.18 12.30
N GLU D 129 14.99 36.21 10.98
CA GLU D 129 13.65 36.20 10.36
C GLU D 129 12.78 35.05 10.88
N ASP D 130 13.41 33.89 11.03
CA ASP D 130 12.75 32.68 11.55
C ASP D 130 12.36 32.83 13.03
N ARG D 131 13.25 33.41 13.84
CA ARG D 131 12.96 33.68 15.25
C ARG D 131 11.80 34.66 15.48
N ASN D 132 11.57 35.59 14.55
CA ASN D 132 10.43 36.53 14.65
C ASN D 132 9.08 35.87 14.40
N SER D 133 8.97 35.11 13.31
CA SER D 133 7.73 34.41 12.97
C SER D 133 7.51 33.16 13.81
N TYR D 134 8.59 32.48 14.22
CA TYR D 134 8.52 31.13 14.79
C TYR D 134 9.19 31.02 16.16
N SER D 135 8.48 30.39 17.10
CA SER D 135 8.98 30.13 18.45
C SER D 135 10.05 29.04 18.49
N ASN D 136 9.99 28.10 17.54
CA ASN D 136 10.89 26.92 17.54
C ASN D 136 10.98 26.25 16.15
N LEU D 137 11.88 25.28 16.03
CA LEU D 137 12.17 24.58 14.77
C LEU D 137 10.91 23.99 14.12
N ALA D 138 10.17 23.21 14.91
CA ALA D 138 8.92 22.56 14.45
C ALA D 138 7.93 23.52 13.80
N GLU D 139 7.77 24.72 14.35
CA GLU D 139 6.88 25.75 13.81
C GLU D 139 7.36 26.24 12.45
N ALA D 140 8.65 26.56 12.36
CA ALA D 140 9.26 27.02 11.13
C ALA D 140 9.10 25.99 10.00
N GLN D 141 9.53 24.76 10.27
CA GLN D 141 9.42 23.66 9.31
C GLN D 141 7.99 23.45 8.85
N ALA D 142 7.06 23.37 9.81
CA ALA D 142 5.64 23.20 9.52
C ALA D 142 5.06 24.30 8.63
N ASP D 143 5.51 25.54 8.84
CA ASP D 143 5.03 26.68 8.06
C ASP D 143 5.54 26.64 6.63
N PHE D 144 6.85 26.45 6.49
CA PHE D 144 7.52 26.31 5.20
C PHE D 144 6.84 25.27 4.33
N LEU D 145 6.65 24.07 4.89
CA LEU D 145 6.05 22.95 4.17
C LEU D 145 4.57 23.16 3.83
N THR D 146 3.87 23.92 4.68
CA THR D 146 2.48 24.31 4.40
C THR D 146 2.42 25.24 3.17
N ARG D 147 3.36 26.16 3.08
CA ARG D 147 3.44 27.11 1.95
C ARG D 147 3.91 26.44 0.65
N VAL D 148 4.82 25.47 0.77
CA VAL D 148 5.27 24.68 -0.39
C VAL D 148 4.12 23.85 -0.93
N LEU D 149 3.32 23.26 -0.03
CA LEU D 149 2.17 22.44 -0.42
C LEU D 149 1.12 23.25 -1.17
N GLN D 150 0.83 24.45 -0.67
CA GLN D 150 -0.14 25.35 -1.31
C GLN D 150 0.26 25.71 -2.74
N ARG D 151 1.53 26.07 -2.92
CA ARG D 151 2.08 26.35 -4.25
C ARG D 151 1.95 25.13 -5.18
N LEU D 152 2.34 23.96 -4.69
CA LEU D 152 2.23 22.72 -5.47
C LEU D 152 0.77 22.34 -5.80
N GLU D 153 -0.15 22.61 -4.87
CA GLU D 153 -1.59 22.37 -5.11
C GLU D 153 -2.20 23.28 -6.20
N SER D 154 -1.67 24.50 -6.34
CA SER D 154 -2.08 25.41 -7.42
C SER D 154 -1.31 25.20 -8.75
N THR D 155 -0.31 24.30 -8.74
CA THR D 155 0.46 23.94 -9.94
C THR D 155 0.01 22.61 -10.55
N ILE D 156 -0.27 21.61 -9.70
CA ILE D 156 -0.75 20.29 -10.13
C ILE D 156 -1.88 19.78 -9.24
N SER D 157 -2.54 18.72 -9.69
CA SER D 157 -3.52 17.99 -8.87
C SER D 157 -2.87 16.75 -8.24
N THR D 158 -3.27 16.46 -7.01
CA THR D 158 -2.71 15.34 -6.20
C THR D 158 -1.18 15.39 -5.98
N PRO D 159 -0.63 16.57 -5.59
CA PRO D 159 0.78 16.61 -5.19
C PRO D 159 0.96 15.92 -3.84
N GLN D 160 2.13 15.32 -3.64
CA GLN D 160 2.42 14.62 -2.38
C GLN D 160 3.78 15.04 -1.85
N ILE D 161 3.80 15.50 -0.60
CA ILE D 161 5.03 15.82 0.09
C ILE D 161 5.24 14.80 1.20
N ILE D 162 6.47 14.34 1.32
CA ILE D 162 6.90 13.52 2.45
C ILE D 162 8.09 14.26 3.07
N MET D 163 8.04 14.49 4.38
CA MET D 163 9.13 15.18 5.06
C MET D 163 9.80 14.24 6.04
N CYS D 164 11.09 14.49 6.28
CA CYS D 164 11.82 13.83 7.33
C CYS D 164 12.06 14.85 8.43
N PRO D 165 11.63 14.54 9.67
CA PRO D 165 11.86 15.44 10.78
C PRO D 165 13.31 15.43 11.24
N THR D 166 13.68 16.46 11.99
CA THR D 166 15.01 16.60 12.54
C THR D 166 15.23 15.62 13.71
N PHE D 167 14.17 15.43 14.50
CA PHE D 167 14.11 14.34 15.47
C PHE D 167 13.30 13.21 14.85
N TYR D 168 14.00 12.18 14.36
CA TYR D 168 13.43 11.11 13.54
C TYR D 168 13.55 9.71 14.15
N CYS D 169 13.99 9.65 15.41
CA CYS D 169 14.17 8.39 16.11
C CYS D 169 14.15 8.61 17.61
N ASN D 170 14.19 7.50 18.34
CA ASN D 170 14.29 7.49 19.80
C ASN D 170 12.95 7.83 20.47
N ASP D 171 12.77 9.05 20.97
CA ASP D 171 11.62 9.38 21.82
C ASP D 171 10.46 9.92 20.98
N PRO D 172 9.38 9.13 20.82
CA PRO D 172 8.26 9.57 20.01
C PRO D 172 7.32 10.60 20.67
N ASN D 173 7.53 10.91 21.95
CA ASN D 173 6.70 11.86 22.68
C ASN D 173 7.35 13.24 22.87
N LEU D 174 8.31 13.57 22.01
CA LEU D 174 9.03 14.84 22.08
C LEU D 174 8.09 15.98 21.65
N GLU D 175 8.21 17.14 22.30
CA GLU D 175 7.31 18.27 22.01
C GLU D 175 7.42 18.75 20.56
N TYR D 176 8.64 18.75 20.04
CA TYR D 176 8.90 19.00 18.60
C TYR D 176 7.98 18.18 17.68
N LEU D 177 7.86 16.89 17.96
CA LEU D 177 7.01 16.00 17.17
C LEU D 177 5.53 16.34 17.28
N ARG D 178 5.08 16.68 18.48
CA ARG D 178 3.67 17.00 18.73
C ARG D 178 3.24 18.31 18.05
N ILE D 179 4.17 19.26 17.93
CA ILE D 179 3.93 20.52 17.21
C ILE D 179 3.86 20.28 15.71
N LEU D 180 4.81 19.49 15.20
CA LEU D 180 4.79 19.00 13.81
C LEU D 180 3.45 18.32 13.50
N GLY D 181 3.04 17.40 14.37
CA GLY D 181 1.76 16.71 14.23
C GLY D 181 0.55 17.63 14.21
N GLN D 182 0.59 18.68 15.04
CA GLN D 182 -0.48 19.67 15.11
C GLN D 182 -0.45 20.64 13.92
N ARG D 183 0.73 21.05 13.50
CA ARG D 183 0.89 22.12 12.49
C ARG D 183 1.04 21.65 11.03
N LEU D 184 1.56 20.45 10.79
CA LEU D 184 1.69 19.94 9.42
C LEU D 184 0.33 19.53 8.88
N PRO D 185 -0.04 19.99 7.67
CA PRO D 185 -1.25 19.48 7.03
C PRO D 185 -1.23 17.94 6.95
N LYS D 186 -2.39 17.34 7.21
CA LYS D 186 -2.52 15.87 7.36
C LYS D 186 -2.06 15.05 6.15
N ASN D 187 -2.21 15.61 4.95
CA ASN D 187 -1.77 14.94 3.72
C ASN D 187 -0.24 14.84 3.57
N ILE D 188 0.52 15.63 4.33
CA ILE D 188 2.00 15.52 4.31
C ILE D 188 2.47 14.33 5.17
N ASP D 189 3.15 13.39 4.51
CA ASP D 189 3.70 12.21 5.18
C ASP D 189 4.96 12.57 5.97
N VAL D 190 5.24 11.79 7.01
CA VAL D 190 6.36 12.07 7.93
C VAL D 190 7.18 10.81 8.17
N PHE D 191 8.50 10.92 7.93
CA PHE D 191 9.42 9.79 8.14
C PHE D 191 9.78 9.58 9.60
N TRP D 192 10.19 8.35 9.88
CA TRP D 192 10.60 7.95 11.21
C TRP D 192 11.45 6.68 11.07
N THR D 193 12.57 6.60 11.78
CA THR D 193 13.50 5.46 11.66
C THR D 193 13.38 4.42 12.77
N GLY D 194 12.62 4.73 13.83
CA GLY D 194 12.32 3.77 14.90
C GLY D 194 13.00 4.19 16.19
N PRO D 195 13.17 3.25 17.14
CA PRO D 195 13.80 3.64 18.42
C PRO D 195 15.28 4.02 18.28
N ASN D 196 15.94 3.55 17.23
CA ASN D 196 17.34 3.90 16.96
C ASN D 196 17.43 4.53 15.57
N VAL D 197 18.61 5.03 15.21
CA VAL D 197 18.85 5.47 13.84
C VAL D 197 18.68 4.25 12.93
N CYS D 198 19.40 3.17 13.26
CA CYS D 198 19.24 1.86 12.62
C CYS D 198 18.62 0.94 13.65
N SER D 199 17.31 0.71 13.52
CA SER D 199 16.56 0.07 14.62
C SER D 199 16.80 -1.45 14.73
N HIS D 200 17.14 -1.89 15.94
CA HIS D 200 17.18 -3.29 16.28
C HIS D 200 15.81 -3.93 16.05
N GLU D 201 14.75 -3.25 16.52
CA GLU D 201 13.39 -3.74 16.37
C GLU D 201 12.40 -2.60 16.16
N ILE D 202 11.32 -2.89 15.44
CA ILE D 202 10.23 -1.92 15.27
C ILE D 202 8.90 -2.59 15.63
N THR D 203 8.33 -2.15 16.75
CA THR D 203 7.12 -2.75 17.31
C THR D 203 5.90 -1.90 17.01
N THR D 204 4.72 -2.53 17.04
CA THR D 204 3.47 -1.79 16.81
C THR D 204 3.26 -0.71 17.86
N SER D 205 3.61 -1.01 19.11
CA SER D 205 3.41 -0.07 20.22
C SER D 205 4.29 1.17 20.08
N HIS D 206 5.53 0.99 19.63
CA HIS D 206 6.39 2.13 19.30
C HIS D 206 5.76 3.03 18.22
N MET D 207 5.29 2.41 17.13
CA MET D 207 4.72 3.17 16.01
C MET D 207 3.34 3.78 16.33
N GLN D 208 2.62 3.19 17.30
CA GLN D 208 1.39 3.82 17.83
C GLN D 208 1.68 5.12 18.57
N GLU D 209 2.75 5.15 19.35
CA GLU D 209 3.17 6.39 20.04
C GLU D 209 3.56 7.48 19.04
N VAL D 210 4.31 7.09 18.00
CA VAL D 210 4.70 8.02 16.92
C VAL D 210 3.44 8.56 16.23
N GLN D 211 2.52 7.66 15.88
CA GLN D 211 1.25 8.04 15.27
C GLN D 211 0.46 9.04 16.12
N LYS D 212 0.37 8.75 17.41
CA LYS D 212 -0.30 9.64 18.39
C LYS D 212 0.27 11.05 18.35
N SER D 213 1.59 11.16 18.37
CA SER D 213 2.28 12.47 18.38
C SER D 213 2.12 13.22 17.06
N LEU D 214 2.22 12.49 15.95
CA LEU D 214 2.12 13.08 14.61
C LEU D 214 0.69 13.28 14.08
N GLN D 215 -0.30 12.70 14.76
CA GLN D 215 -1.72 12.74 14.33
C GLN D 215 -1.93 12.17 12.92
N ARG D 216 -1.12 11.18 12.57
CA ARG D 216 -1.18 10.51 11.27
C ARG D 216 -0.30 9.26 11.37
N PRO D 217 -0.53 8.26 10.51
CA PRO D 217 0.43 7.16 10.46
C PRO D 217 1.77 7.62 9.91
N ALA D 218 2.86 7.19 10.53
CA ALA D 218 4.20 7.50 10.03
C ALA D 218 4.56 6.61 8.84
N THR D 219 5.52 7.07 8.05
CA THR D 219 6.19 6.25 7.04
C THR D 219 7.55 5.88 7.63
N LEU D 220 7.93 4.63 7.52
CA LEU D 220 9.20 4.19 8.06
C LEU D 220 10.32 4.43 7.05
N TRP D 221 11.35 5.13 7.50
CA TRP D 221 12.65 5.18 6.85
C TRP D 221 13.45 4.15 7.61
N ASP D 222 13.57 2.94 7.07
CA ASP D 222 14.23 1.86 7.83
C ASP D 222 15.70 1.78 7.41
N ASN D 223 16.60 2.08 8.34
CA ASN D 223 18.04 2.10 8.06
C ASN D 223 18.67 0.71 8.19
N TYR D 224 18.26 -0.16 7.27
CA TYR D 224 18.87 -1.45 7.06
C TYR D 224 18.55 -1.81 5.60
N PRO D 225 19.52 -2.27 4.80
CA PRO D 225 20.86 -2.67 5.21
C PRO D 225 21.99 -1.60 5.23
N VAL D 226 21.69 -0.30 5.10
CA VAL D 226 22.76 0.75 5.13
C VAL D 226 23.91 0.41 6.04
N ASN D 227 25.12 0.46 5.48
CA ASN D 227 26.35 0.31 6.25
C ASN D 227 27.27 1.49 5.98
N ASP D 228 26.74 2.71 6.20
CA ASP D 228 27.53 3.93 5.98
C ASP D 228 28.18 4.40 7.29
N GLY D 229 29.04 5.42 7.17
CA GLY D 229 29.77 5.96 8.33
C GLY D 229 30.55 4.89 9.07
N GLY D 230 30.37 4.84 10.39
CA GLY D 230 31.04 3.85 11.21
C GLY D 230 30.55 2.41 11.09
N MET D 231 29.55 2.17 10.25
CA MET D 231 29.10 0.82 9.90
C MET D 231 29.72 0.27 8.61
N MET D 232 30.53 1.06 7.90
CA MET D 232 31.20 0.59 6.68
C MET D 232 31.97 -0.73 6.80
N PRO D 233 32.62 -1.00 7.96
CA PRO D 233 33.29 -2.31 8.09
C PRO D 233 32.37 -3.54 8.14
N GLU D 234 31.07 -3.34 8.29
CA GLU D 234 30.09 -4.43 8.43
C GLU D 234 29.40 -4.72 7.10
N LEU D 235 29.44 -5.98 6.67
CA LEU D 235 28.70 -6.43 5.48
C LEU D 235 27.28 -6.82 5.90
N HIS D 236 26.33 -5.92 5.67
CA HIS D 236 24.93 -6.14 6.07
C HIS D 236 24.18 -6.94 5.02
N ILE D 237 24.47 -8.23 4.92
CA ILE D 237 23.78 -9.11 3.98
C ILE D 237 22.70 -9.98 4.66
N GLY D 238 22.57 -9.87 5.99
CA GLY D 238 21.58 -10.68 6.73
C GLY D 238 20.16 -10.31 6.38
N PRO D 239 19.20 -11.22 6.67
CA PRO D 239 17.82 -10.95 6.31
C PRO D 239 17.19 -9.81 7.11
N TYR D 240 16.21 -9.15 6.51
CA TYR D 240 15.33 -8.22 7.22
C TYR D 240 14.72 -8.96 8.41
N ASP D 241 14.65 -8.29 9.56
CA ASP D 241 14.22 -8.98 10.78
C ASP D 241 13.79 -8.04 11.90
N HIS D 242 12.99 -8.59 12.81
CA HIS D 242 12.54 -7.94 14.04
C HIS D 242 11.61 -6.74 13.81
N ARG D 243 10.88 -6.76 12.70
CA ARG D 243 9.81 -5.81 12.45
C ARG D 243 8.51 -6.56 12.69
N ASP D 244 7.71 -6.08 13.64
CA ASP D 244 6.46 -6.77 14.00
C ASP D 244 5.64 -7.18 12.76
N PRO D 245 5.08 -8.40 12.77
CA PRO D 245 4.16 -8.81 11.71
C PRO D 245 3.02 -7.83 11.45
N GLU D 246 2.62 -7.06 12.46
CA GLU D 246 1.43 -6.23 12.40
C GLU D 246 1.75 -4.74 12.20
N LEU D 247 2.98 -4.40 11.79
CA LEU D 247 3.36 -3.00 11.57
C LEU D 247 2.51 -2.29 10.53
N HIS D 248 2.13 -3.04 9.48
CA HIS D 248 1.25 -2.53 8.41
C HIS D 248 -0.02 -1.84 8.93
N THR D 249 -0.52 -2.28 10.08
CA THR D 249 -1.69 -1.67 10.75
C THR D 249 -1.50 -0.20 11.16
N HIS D 250 -0.26 0.18 11.49
CA HIS D 250 0.05 1.50 12.06
C HIS D 250 1.00 2.36 11.22
N VAL D 251 1.40 1.85 10.05
CA VAL D 251 2.39 2.49 9.20
C VAL D 251 1.86 2.47 7.76
N VAL D 252 1.99 3.59 7.06
CA VAL D 252 1.54 3.69 5.66
C VAL D 252 2.48 2.99 4.67
N GLY D 253 3.78 3.01 4.98
CA GLY D 253 4.76 2.36 4.12
C GLY D 253 6.13 2.27 4.77
N ILE D 254 7.02 1.52 4.12
CA ILE D 254 8.41 1.39 4.55
C ILE D 254 9.35 1.60 3.35
N TYR D 255 10.31 2.49 3.52
CA TYR D 255 11.42 2.65 2.58
C TYR D 255 12.67 2.15 3.25
N ALA D 256 13.37 1.21 2.61
CA ALA D 256 14.64 0.68 3.14
C ALA D 256 15.79 1.50 2.60
N ASN D 257 16.70 1.89 3.50
CA ASN D 257 17.91 2.61 3.14
C ASN D 257 18.99 1.54 2.93
N PRO D 258 19.43 1.35 1.66
CA PRO D 258 20.32 0.24 1.35
C PRO D 258 21.79 0.60 1.52
N MET D 259 22.68 -0.34 1.21
CA MET D 259 24.12 -0.08 1.24
C MET D 259 24.53 0.65 -0.02
N ALA D 260 25.61 1.40 0.06
CA ALA D 260 26.29 1.92 -1.13
C ALA D 260 26.80 0.81 -2.09
N LEU D 261 26.80 -0.45 -1.61
CA LEU D 261 26.99 -1.65 -2.44
C LEU D 261 25.65 -2.16 -2.99
N PRO D 262 25.29 -1.78 -4.23
CA PRO D 262 23.93 -2.09 -4.69
C PRO D 262 23.66 -3.58 -4.89
N GLU D 263 24.61 -4.31 -5.47
CA GLU D 263 24.43 -5.75 -5.74
C GLU D 263 24.30 -6.57 -4.45
N ALA D 264 25.16 -6.28 -3.47
CA ALA D 264 25.12 -6.92 -2.16
C ALA D 264 23.84 -6.61 -1.38
N SER D 265 23.29 -5.41 -1.59
CA SER D 265 21.99 -5.03 -1.00
C SER D 265 20.83 -5.90 -1.47
N LYS D 266 20.93 -6.51 -2.65
CA LYS D 266 19.85 -7.34 -3.17
C LYS D 266 19.52 -8.56 -2.32
N LEU D 267 20.50 -9.07 -1.56
CA LEU D 267 20.25 -10.14 -0.57
C LEU D 267 19.22 -9.69 0.50
N PRO D 268 19.58 -8.71 1.36
CA PRO D 268 18.61 -8.23 2.35
C PRO D 268 17.34 -7.61 1.75
N LEU D 269 17.47 -6.88 0.65
CA LEU D 269 16.30 -6.26 0.00
C LEU D 269 15.29 -7.28 -0.54
N TYR D 270 15.78 -8.42 -1.01
CA TYR D 270 14.89 -9.54 -1.39
C TYR D 270 14.03 -9.96 -0.18
N THR D 271 14.69 -10.14 0.97
CA THR D 271 13.98 -10.56 2.18
C THR D 271 13.02 -9.46 2.68
N PHE D 272 13.48 -8.21 2.61
CA PHE D 272 12.65 -7.02 2.87
C PHE D 272 11.35 -7.05 2.05
N ALA D 273 11.51 -7.29 0.75
CA ALA D 273 10.36 -7.36 -0.17
C ALA D 273 9.39 -8.50 0.19
N GLN D 274 9.91 -9.64 0.60
CA GLN D 274 9.07 -10.77 0.98
C GLN D 274 8.29 -10.49 2.25
N TYR D 275 8.96 -9.85 3.22
CA TYR D 275 8.29 -9.39 4.44
C TYR D 275 7.11 -8.46 4.10
N LEU D 276 7.33 -7.48 3.24
CA LEU D 276 6.30 -6.49 2.88
C LEU D 276 5.09 -7.14 2.20
N ASN D 277 5.37 -8.09 1.32
CA ASN D 277 4.36 -8.83 0.57
C ASN D 277 3.44 -9.68 1.46
N SER D 278 3.99 -10.28 2.52
CA SER D 278 3.19 -11.13 3.40
C SER D 278 3.85 -11.24 4.78
N PRO D 279 3.67 -10.21 5.63
CA PRO D 279 4.37 -10.13 6.91
C PRO D 279 3.95 -11.17 7.97
N SER D 280 2.76 -11.75 7.86
CA SER D 280 2.32 -12.84 8.74
C SER D 280 3.04 -14.15 8.45
N GLN D 281 3.38 -14.37 7.18
CA GLN D 281 4.03 -15.60 6.75
C GLN D 281 5.56 -15.49 6.61
N TYR D 282 6.13 -14.36 7.00
CA TYR D 282 7.55 -14.10 6.78
C TYR D 282 8.41 -14.92 7.73
N ASN D 283 9.37 -15.66 7.16
CA ASN D 283 10.44 -16.30 7.94
C ASN D 283 11.78 -15.83 7.36
N PRO D 284 12.62 -15.17 8.18
CA PRO D 284 13.84 -14.54 7.62
C PRO D 284 14.91 -15.51 7.13
N GLN D 285 15.09 -16.63 7.82
CA GLN D 285 16.04 -17.68 7.39
C GLN D 285 15.58 -18.30 6.08
N ASP D 286 14.30 -18.64 5.99
CA ASP D 286 13.68 -19.14 4.75
C ASP D 286 13.81 -18.14 3.60
N SER D 287 13.49 -16.88 3.88
CA SER D 287 13.60 -15.83 2.87
C SER D 287 15.04 -15.62 2.40
N TRP D 288 15.99 -15.72 3.32
CA TRP D 288 17.39 -15.50 3.00
C TRP D 288 17.98 -16.60 2.11
N ARG D 289 17.59 -17.85 2.35
CA ARG D 289 17.97 -19.00 1.49
C ARG D 289 17.49 -18.78 0.05
N GLN D 290 16.26 -18.29 -0.10
CA GLN D 290 15.68 -17.98 -1.40
C GLN D 290 16.43 -16.84 -2.09
N ALA D 291 16.71 -15.77 -1.35
CA ALA D 291 17.48 -14.62 -1.86
C ALA D 291 18.84 -15.06 -2.43
N VAL D 292 19.57 -15.86 -1.68
CA VAL D 292 20.89 -16.34 -2.10
C VAL D 292 20.79 -17.21 -3.36
N SER D 293 19.91 -18.21 -3.32
CA SER D 293 19.66 -19.09 -4.49
C SER D 293 19.27 -18.32 -5.75
N THR D 294 18.38 -17.34 -5.59
CA THR D 294 17.90 -16.53 -6.72
C THR D 294 19.00 -15.63 -7.29
N LEU D 295 19.72 -14.91 -6.42
CA LEU D 295 20.75 -13.96 -6.87
C LEU D 295 22.05 -14.64 -7.28
N LEU D 296 22.53 -15.55 -6.45
CA LEU D 296 23.89 -16.09 -6.57
C LEU D 296 23.98 -17.54 -7.08
N GLY D 297 22.84 -18.24 -7.12
CA GLY D 297 22.79 -19.61 -7.61
C GLY D 297 22.68 -20.62 -6.49
N GLU D 298 21.98 -21.72 -6.78
CA GLU D 298 21.74 -22.80 -5.82
C GLU D 298 23.05 -23.45 -5.34
N ASP D 299 24.06 -23.50 -6.22
CA ASP D 299 25.39 -24.03 -5.88
C ASP D 299 26.15 -23.25 -4.81
N ASN D 300 25.84 -21.97 -4.65
CA ASN D 300 26.55 -21.11 -3.68
C ASN D 300 25.94 -21.04 -2.28
N LEU D 301 24.78 -21.68 -2.06
CA LEU D 301 24.02 -21.46 -0.83
C LEU D 301 24.76 -21.96 0.42
N SER D 302 25.24 -23.20 0.38
CA SER D 302 25.97 -23.77 1.53
C SER D 302 27.19 -22.93 1.95
N ALA D 303 28.03 -22.56 0.99
CA ALA D 303 29.18 -21.68 1.26
C ALA D 303 28.73 -20.31 1.82
N MET D 304 27.68 -19.74 1.24
CA MET D 304 27.12 -18.47 1.72
C MET D 304 26.55 -18.54 3.13
N GLU D 305 25.87 -19.63 3.48
CA GLU D 305 25.39 -19.84 4.86
C GLU D 305 26.54 -19.83 5.86
N LYS D 306 27.62 -20.50 5.50
CA LYS D 306 28.82 -20.55 6.31
C LYS D 306 29.45 -19.17 6.44
N PHE D 307 29.68 -18.52 5.30
CA PHE D 307 30.27 -17.19 5.27
C PHE D 307 29.45 -16.19 6.09
N TYR D 308 28.12 -16.25 5.95
CA TYR D 308 27.21 -15.36 6.69
C TYR D 308 27.35 -15.49 8.20
N GLN D 309 27.67 -16.68 8.71
CA GLN D 309 27.91 -16.85 10.16
C GLN D 309 28.96 -15.89 10.74
N SER D 310 29.87 -15.41 9.89
CA SER D 310 30.88 -14.42 10.28
C SER D 310 30.54 -12.95 9.89
N ASN D 311 29.35 -12.73 9.34
CA ASN D 311 28.91 -11.40 8.87
C ASN D 311 27.49 -11.08 9.34
N THR D 312 27.15 -11.56 10.54
CA THR D 312 25.84 -11.33 11.14
C THR D 312 25.73 -9.96 11.83
N ILE D 313 26.84 -9.30 12.12
CA ILE D 313 26.80 -8.07 12.93
C ILE D 313 26.07 -6.94 12.17
N SER D 314 25.02 -6.44 12.81
CA SER D 314 24.25 -5.32 12.31
C SER D 314 23.37 -4.82 13.45
N CYS D 315 22.59 -3.79 13.18
CA CYS D 315 21.57 -3.36 14.15
C CYS D 315 20.58 -4.48 14.48
N LEU D 316 20.27 -5.32 13.50
CA LEU D 316 19.38 -6.47 13.67
C LEU D 316 19.96 -7.57 14.57
N GLU D 317 21.28 -7.76 14.50
CA GLU D 317 21.96 -8.76 15.32
C GLU D 317 23.26 -8.14 15.88
N PRO D 318 23.14 -7.37 16.97
CA PRO D 318 24.33 -6.69 17.51
C PRO D 318 25.34 -7.60 18.24
N GLU D 319 24.98 -8.85 18.55
CA GLU D 319 25.90 -9.77 19.25
C GLU D 319 27.13 -10.12 18.42
N GLU D 320 28.17 -10.66 19.08
CA GLU D 320 29.31 -11.25 18.39
C GLU D 320 28.86 -12.54 17.66
N PRO D 321 29.42 -12.83 16.47
CA PRO D 321 29.06 -14.05 15.73
C PRO D 321 28.83 -15.28 16.61
N ALA D 322 27.65 -15.88 16.50
CA ALA D 322 27.22 -16.91 17.45
C ALA D 322 27.95 -18.24 17.28
N TYR D 323 28.08 -18.72 16.05
CA TYR D 323 28.67 -20.02 15.77
C TYR D 323 30.14 -20.10 16.20
N LEU D 324 30.93 -19.10 15.78
CA LEU D 324 32.34 -19.02 16.19
C LEU D 324 32.50 -18.83 17.69
N THR D 325 31.61 -18.04 18.31
CA THR D 325 31.62 -17.85 19.75
C THR D 325 31.38 -19.19 20.46
N ASN D 326 30.37 -19.93 20.00
CA ASN D 326 30.09 -21.26 20.55
C ASN D 326 31.21 -22.25 20.27
N LEU D 327 31.75 -22.24 19.06
CA LEU D 327 32.80 -23.20 18.68
C LEU D 327 34.11 -23.07 19.49
N PHE D 328 34.54 -21.84 19.79
CA PHE D 328 35.74 -21.62 20.61
C PHE D 328 35.52 -21.96 22.09
N LYS D 329 34.34 -21.65 22.61
CA LYS D 329 33.96 -22.07 23.96
C LYS D 329 34.11 -23.58 24.12
N LYS D 330 33.54 -24.32 23.18
CA LYS D 330 33.65 -25.79 23.14
C LYS D 330 35.10 -26.26 23.00
N VAL D 331 35.84 -25.68 22.05
CA VAL D 331 37.23 -26.08 21.80
C VAL D 331 38.13 -25.83 23.03
N GLN D 332 37.94 -24.68 23.68
CA GLN D 332 38.64 -24.39 24.94
C GLN D 332 38.23 -25.31 26.10
N GLU D 333 36.98 -25.80 26.09
CA GLU D 333 36.53 -26.76 27.11
C GLU D 333 37.14 -28.15 26.90
N ASP D 334 37.26 -28.57 25.64
CA ASP D 334 38.05 -29.77 25.28
C ASP D 334 39.50 -29.65 25.77
N PHE D 335 40.12 -28.48 25.53
CA PHE D 335 41.48 -28.20 26.05
C PHE D 335 41.51 -28.23 27.58
N ALA D 336 40.51 -27.64 28.22
CA ALA D 336 40.44 -27.53 29.68
C ALA D 336 40.23 -28.85 30.42
N SER D 337 39.58 -29.82 29.79
CA SER D 337 39.29 -31.13 30.42
C SER D 337 39.85 -32.31 29.62
N PHE D 338 41.15 -32.23 29.33
CA PHE D 338 41.98 -33.34 28.79
C PHE D 338 41.66 -33.88 27.38
N ARG D 339 40.67 -33.32 26.68
CA ARG D 339 40.34 -33.77 25.33
C ARG D 339 41.01 -32.88 24.28
N PHE D 340 42.30 -32.61 24.48
CA PHE D 340 43.04 -31.64 23.69
C PHE D 340 42.99 -31.95 22.21
N GLU D 341 43.26 -33.21 21.86
CA GLU D 341 43.28 -33.64 20.47
C GLU D 341 41.89 -33.57 19.81
N GLN D 342 40.82 -33.74 20.59
CA GLN D 342 39.45 -33.46 20.12
C GLN D 342 39.29 -31.98 19.79
N GLY D 343 39.71 -31.11 20.72
CA GLY D 343 39.78 -29.67 20.48
C GLY D 343 40.53 -29.34 19.19
N LEU D 344 41.77 -29.82 19.08
CA LEU D 344 42.60 -29.56 17.90
C LEU D 344 41.94 -29.95 16.57
N ARG D 345 41.37 -31.15 16.55
CA ARG D 345 40.72 -31.67 15.35
C ARG D 345 39.37 -31.00 15.05
N THR D 346 38.61 -30.64 16.10
CA THR D 346 37.40 -29.81 15.92
C THR D 346 37.76 -28.52 15.18
N LEU D 347 38.77 -27.84 15.71
CA LEU D 347 39.30 -26.60 15.13
C LEU D 347 39.79 -26.82 13.71
N ARG D 348 40.51 -27.93 13.51
CA ARG D 348 40.99 -28.34 12.18
C ARG D 348 39.85 -28.45 11.15
N GLU D 349 38.74 -29.08 11.54
CA GLU D 349 37.58 -29.26 10.63
C GLU D 349 36.95 -27.91 10.24
N GLU D 350 36.77 -27.03 11.21
CA GLU D 350 36.25 -25.69 10.93
C GLU D 350 37.19 -24.88 10.03
N ILE D 351 38.50 -24.95 10.26
CA ILE D 351 39.49 -24.33 9.35
C ILE D 351 39.20 -24.79 7.92
N ILE D 352 39.07 -26.10 7.73
CA ILE D 352 38.86 -26.70 6.41
C ILE D 352 37.54 -26.19 5.81
N SER D 353 36.48 -26.24 6.61
CA SER D 353 35.17 -25.68 6.24
C SER D 353 35.25 -24.21 5.81
N MET D 354 35.93 -23.41 6.63
CA MET D 354 36.16 -22.01 6.32
C MET D 354 37.01 -21.81 5.05
N GLN D 355 38.00 -22.69 4.85
CA GLN D 355 38.84 -22.65 3.63
C GLN D 355 38.05 -23.03 2.37
N THR D 356 37.26 -24.10 2.46
CA THR D 356 36.39 -24.53 1.36
C THR D 356 35.37 -23.45 1.00
N THR D 357 34.80 -22.84 2.02
CA THR D 357 33.90 -21.70 1.85
C THR D 357 34.60 -20.60 1.07
N TYR D 358 35.80 -20.22 1.50
CA TYR D 358 36.57 -19.17 0.83
C TYR D 358 36.89 -19.52 -0.63
N SER D 359 37.42 -20.72 -0.85
CA SER D 359 37.81 -21.16 -2.20
C SER D 359 36.63 -21.24 -3.17
N ARG D 360 35.48 -21.69 -2.70
CA ARG D 360 34.25 -21.72 -3.50
C ARG D 360 33.77 -20.31 -3.86
N LEU D 361 33.72 -19.43 -2.87
CA LEU D 361 33.21 -18.07 -3.07
C LEU D 361 34.20 -17.15 -3.79
N SER D 362 35.51 -17.33 -3.57
CA SER D 362 36.53 -16.46 -4.17
C SER D 362 36.78 -16.69 -5.66
N THR D 363 36.29 -17.81 -6.20
CA THR D 363 36.38 -18.10 -7.65
C THR D 363 35.15 -17.67 -8.46
N GLN D 364 34.14 -17.08 -7.80
CA GLN D 364 32.92 -16.61 -8.49
C GLN D 364 33.18 -15.30 -9.25
N ASP D 365 32.58 -15.18 -10.44
CA ASP D 365 32.79 -14.03 -11.33
C ASP D 365 31.78 -12.88 -11.18
N SER D 366 30.69 -13.12 -10.46
CA SER D 366 29.59 -12.15 -10.43
C SER D 366 29.96 -10.86 -9.69
N LYS D 367 29.18 -9.82 -9.95
CA LYS D 367 29.41 -8.50 -9.36
C LYS D 367 29.28 -8.50 -7.84
N PHE D 368 28.36 -9.30 -7.30
CA PHE D 368 28.20 -9.46 -5.84
C PHE D 368 29.53 -9.80 -5.18
N PHE D 369 30.24 -10.78 -5.74
CA PHE D 369 31.50 -11.24 -5.16
C PHE D 369 32.66 -10.27 -5.35
N TRP D 370 32.59 -9.42 -6.37
CA TRP D 370 33.50 -8.27 -6.49
C TRP D 370 33.24 -7.30 -5.35
N GLU D 371 31.97 -6.95 -5.16
CA GLU D 371 31.57 -6.01 -4.11
C GLU D 371 31.98 -6.43 -2.72
N ILE D 372 31.84 -7.72 -2.39
CA ILE D 372 32.15 -8.20 -1.05
C ILE D 372 33.57 -8.75 -0.89
N ARG D 373 34.44 -8.56 -1.89
CA ARG D 373 35.79 -9.12 -1.88
C ARG D 373 36.61 -8.76 -0.63
N PRO D 374 36.58 -7.49 -0.16
CA PRO D 374 37.37 -7.16 1.04
C PRO D 374 37.01 -7.97 2.29
N TRP D 375 35.75 -8.39 2.39
CA TRP D 375 35.31 -9.23 3.51
C TRP D 375 35.81 -10.66 3.34
N LEU D 376 35.76 -11.19 2.12
CA LEU D 376 36.35 -12.50 1.81
C LEU D 376 37.86 -12.55 2.11
N GLU D 377 38.59 -11.50 1.72
CA GLU D 377 40.04 -11.44 1.93
C GLU D 377 40.39 -11.51 3.42
N GLU D 378 39.68 -10.76 4.25
CA GLU D 378 39.94 -10.77 5.69
C GLU D 378 39.40 -12.01 6.41
N TYR D 379 38.37 -12.63 5.85
CA TYR D 379 37.91 -13.98 6.27
C TYR D 379 39.04 -15.02 6.12
N LYS D 380 39.68 -15.02 4.95
CA LYS D 380 40.84 -15.88 4.68
C LYS D 380 41.97 -15.63 5.68
N LEU D 381 42.30 -14.36 5.91
CA LEU D 381 43.33 -13.98 6.86
C LEU D 381 43.06 -14.55 8.26
N TRP D 382 41.85 -14.36 8.78
CA TRP D 382 41.47 -14.92 10.09
C TRP D 382 41.55 -16.46 10.08
N THR D 383 41.16 -17.07 8.95
CA THR D 383 41.27 -18.52 8.79
C THR D 383 42.75 -18.96 8.82
N ASP D 384 43.61 -18.25 8.09
CA ASP D 384 45.06 -18.52 8.14
C ASP D 384 45.63 -18.40 9.55
N TYR D 385 45.21 -17.36 10.28
CA TYR D 385 45.72 -17.15 11.65
C TYR D 385 45.25 -18.24 12.59
N LEU D 386 43.99 -18.65 12.44
CA LEU D 386 43.44 -19.79 13.16
C LEU D 386 44.23 -21.09 12.93
N ASP D 387 44.62 -21.32 11.68
CA ASP D 387 45.39 -22.50 11.30
C ASP D 387 46.75 -22.51 12.00
N GLN D 388 47.38 -21.33 12.12
CA GLN D 388 48.65 -21.19 12.83
C GLN D 388 48.51 -21.38 14.34
N ALA D 389 47.36 -21.00 14.90
CA ALA D 389 47.10 -21.21 16.33
C ALA D 389 47.01 -22.68 16.70
N MET D 390 46.34 -23.48 15.87
CA MET D 390 46.22 -24.91 16.15
C MET D 390 47.56 -25.63 15.94
N ILE D 391 48.33 -25.19 14.94
CA ILE D 391 49.70 -25.68 14.75
C ILE D 391 50.59 -25.33 15.95
N THR D 392 50.40 -24.14 16.53
CA THR D 392 51.08 -23.76 17.78
C THR D 392 50.69 -24.71 18.92
N PHE D 393 49.39 -24.91 19.14
CA PHE D 393 48.91 -25.86 20.16
C PHE D 393 49.38 -27.30 19.89
N SER D 394 49.44 -27.69 18.63
CA SER D 394 49.86 -29.04 18.24
C SER D 394 51.33 -29.30 18.61
N ASN D 395 52.21 -28.36 18.28
CA ASN D 395 53.62 -28.40 18.71
C ASN D 395 53.77 -28.30 20.24
N LEU D 396 52.88 -27.56 20.89
CA LEU D 396 52.86 -27.47 22.36
C LEU D 396 52.46 -28.80 23.02
N PHE D 397 51.55 -29.55 22.38
CA PHE D 397 50.95 -30.78 22.93
C PHE D 397 50.11 -30.50 24.18
N ALA D 408 61.13 -32.99 20.64
CA ALA D 408 60.68 -32.35 21.88
C ALA D 408 61.19 -30.92 21.96
N ARG D 409 62.50 -30.75 21.85
CA ARG D 409 63.14 -29.43 21.80
C ARG D 409 62.74 -28.67 20.53
N GLU D 410 62.62 -29.41 19.42
CA GLU D 410 62.14 -28.86 18.15
C GLU D 410 60.68 -28.41 18.24
N SER D 411 59.87 -29.18 18.94
CA SER D 411 58.46 -28.84 19.17
C SER D 411 58.30 -27.59 20.05
N LEU D 412 59.05 -27.52 21.13
CA LEU D 412 59.08 -26.34 22.00
C LEU D 412 59.44 -25.07 21.23
N GLN D 413 60.45 -25.17 20.35
CA GLN D 413 60.91 -24.05 19.52
C GLN D 413 59.85 -23.57 18.53
N LYS D 414 59.19 -24.52 17.86
CA LYS D 414 58.11 -24.20 16.90
C LYS D 414 56.92 -23.51 17.57
N ALA D 415 56.59 -23.93 18.79
CA ALA D 415 55.53 -23.31 19.58
C ALA D 415 55.87 -21.86 19.91
N LEU D 416 57.11 -21.61 20.32
CA LEU D 416 57.61 -20.25 20.56
C LEU D 416 57.52 -19.36 19.33
N GLN D 417 57.90 -19.91 18.16
CA GLN D 417 57.72 -19.22 16.88
C GLN D 417 56.27 -18.87 16.62
N GLY D 418 55.39 -19.84 16.87
CA GLY D 418 53.95 -19.67 16.74
C GLY D 418 53.41 -18.52 17.56
N ARG D 419 53.83 -18.43 18.81
CA ARG D 419 53.43 -17.31 19.68
C ARG D 419 53.86 -15.98 19.09
N THR D 420 55.11 -15.92 18.60
CA THR D 420 55.63 -14.71 17.99
C THR D 420 54.85 -14.35 16.72
N TYR D 421 54.51 -15.36 15.92
CA TYR D 421 53.62 -15.18 14.76
C TYR D 421 52.25 -14.61 15.15
N LEU D 422 51.59 -15.22 16.13
CA LEU D 422 50.26 -14.77 16.58
C LEU D 422 50.28 -13.33 17.10
N ARG D 423 51.35 -13.00 17.83
CA ARG D 423 51.57 -11.64 18.32
C ARG D 423 51.64 -10.63 17.18
N GLU D 424 52.38 -10.95 16.12
CA GLU D 424 52.51 -10.05 14.96
C GLU D 424 51.20 -9.83 14.24
N VAL D 425 50.52 -10.92 13.89
CA VAL D 425 49.24 -10.83 13.15
C VAL D 425 48.12 -10.17 13.97
N LEU D 426 48.12 -10.38 15.29
CA LEU D 426 47.15 -9.72 16.18
C LEU D 426 47.30 -8.20 16.17
N LYS D 427 48.54 -7.73 16.14
CA LYS D 427 48.84 -6.29 16.00
C LYS D 427 48.47 -5.78 14.62
N ASP D 428 48.84 -6.53 13.57
CA ASP D 428 48.43 -6.21 12.20
C ASP D 428 46.89 -6.10 12.10
N ALA D 429 46.19 -7.05 12.72
CA ALA D 429 44.72 -7.12 12.63
C ALA D 429 43.98 -5.88 13.19
N VAL D 430 44.65 -5.08 14.03
CA VAL D 430 44.11 -3.79 14.45
C VAL D 430 43.73 -2.94 13.22
N ASP D 431 44.51 -3.05 12.14
CA ASP D 431 44.26 -2.31 10.91
C ASP D 431 43.31 -2.95 9.90
N PHE D 432 42.70 -4.09 10.23
CA PHE D 432 41.68 -4.71 9.38
C PHE D 432 40.57 -3.70 9.07
N ARG D 433 40.13 -3.68 7.80
CA ARG D 433 39.12 -2.74 7.35
C ARG D 433 37.70 -3.21 7.66
N THR D 434 37.50 -4.52 7.80
CA THR D 434 36.15 -5.10 7.97
C THR D 434 35.98 -5.70 9.36
N ARG D 435 34.72 -5.87 9.75
CA ARG D 435 34.35 -6.52 11.02
C ARG D 435 33.96 -8.00 10.80
N VAL D 436 34.53 -8.62 9.75
CA VAL D 436 34.28 -10.04 9.50
C VAL D 436 34.84 -10.89 10.67
N CYS D 437 34.03 -11.85 11.12
CA CYS D 437 34.31 -12.66 12.32
C CYS D 437 34.23 -11.89 13.65
N GLY D 438 33.79 -10.62 13.61
CA GLY D 438 33.80 -9.76 14.78
C GLY D 438 35.17 -9.69 15.41
N ASP D 439 35.21 -9.70 16.73
CA ASP D 439 36.44 -9.91 17.47
C ASP D 439 36.51 -11.31 18.07
N VAL D 440 35.76 -12.26 17.49
CA VAL D 440 35.67 -13.61 18.04
C VAL D 440 36.95 -14.39 17.77
N VAL D 441 37.46 -14.35 16.54
CA VAL D 441 38.75 -14.99 16.23
C VAL D 441 39.90 -14.24 16.92
N ARG D 442 39.89 -12.91 16.80
CA ARG D 442 40.84 -12.04 17.52
C ARG D 442 41.00 -12.42 18.99
N ASN D 443 39.87 -12.47 19.70
CA ASN D 443 39.87 -12.75 21.14
C ASN D 443 40.40 -14.14 21.47
N PHE D 444 40.04 -15.12 20.65
CA PHE D 444 40.55 -16.48 20.78
C PHE D 444 42.08 -16.54 20.63
N LEU D 445 42.59 -15.91 19.58
CA LEU D 445 44.03 -15.86 19.32
C LEU D 445 44.78 -15.12 20.42
N GLN D 446 44.21 -14.02 20.90
CA GLN D 446 44.76 -13.31 22.05
C GLN D 446 44.83 -14.21 23.30
N GLN D 447 43.81 -15.05 23.51
CA GLN D 447 43.83 -15.98 24.65
C GLN D 447 44.90 -17.05 24.47
N VAL D 448 45.12 -17.50 23.23
CA VAL D 448 46.21 -18.43 22.94
C VAL D 448 47.55 -17.85 23.39
N LEU D 449 47.85 -16.60 22.99
CA LEU D 449 49.04 -15.88 23.46
C LEU D 449 49.18 -15.85 24.98
N ARG D 450 48.14 -15.37 25.65
CA ARG D 450 48.08 -15.29 27.12
C ARG D 450 48.30 -16.63 27.80
N SER D 451 47.58 -17.64 27.30
CA SER D 451 47.60 -18.99 27.85
C SER D 451 48.97 -19.65 27.81
N THR D 452 49.76 -19.33 26.79
CA THR D 452 51.02 -20.01 26.50
C THR D 452 52.26 -19.22 26.95
N VAL D 453 52.09 -18.31 27.92
CA VAL D 453 53.23 -17.61 28.52
C VAL D 453 54.19 -18.54 29.28
N SER D 454 53.67 -19.67 29.77
CA SER D 454 54.52 -20.70 30.41
C SER D 454 55.59 -21.29 29.49
N ILE D 455 55.31 -21.36 28.19
CA ILE D 455 56.28 -21.83 27.18
C ILE D 455 57.49 -20.88 27.10
N GLU D 456 57.23 -19.58 27.14
CA GLU D 456 58.28 -18.57 27.16
C GLU D 456 59.12 -18.61 28.44
N LEU D 457 58.48 -18.94 29.56
CA LEU D 457 59.15 -19.11 30.86
C LEU D 457 59.86 -20.47 31.01
N GLN D 458 59.37 -21.49 30.31
CA GLN D 458 60.02 -22.81 30.24
C GLN D 458 61.36 -22.72 29.50
N ALA D 459 61.42 -21.86 28.48
CA ALA D 459 62.64 -21.65 27.70
C ALA D 459 63.75 -20.97 28.49
N GLU D 460 63.37 -19.98 29.31
CA GLU D 460 64.35 -19.27 30.18
C GLU D 460 64.62 -20.00 31.50
N GLY D 461 64.01 -21.16 31.73
CA GLY D 461 64.13 -21.89 32.99
C GLY D 461 63.54 -21.15 34.17
N LYS D 462 62.55 -20.30 33.90
CA LYS D 462 61.99 -19.39 34.90
C LYS D 462 60.72 -19.89 35.58
N GLU D 463 60.32 -21.14 35.31
CA GLU D 463 59.10 -21.73 35.89
C GLU D 463 59.16 -21.82 37.42
N TRP D 464 60.34 -22.12 37.95
CA TRP D 464 60.55 -22.17 39.41
C TRP D 464 60.59 -20.80 40.09
N THR D 465 60.95 -19.75 39.35
CA THR D 465 61.17 -18.40 39.92
C THR D 465 60.10 -17.34 39.60
N ALA D 466 59.35 -17.52 38.51
CA ALA D 466 58.38 -16.50 38.06
C ALA D 466 57.07 -16.56 38.85
N LEU D 467 56.50 -15.39 39.16
CA LEU D 467 55.18 -15.29 39.78
C LEU D 467 54.14 -14.95 38.72
N PRO D 468 52.84 -15.27 38.98
CA PRO D 468 51.76 -14.72 38.13
C PRO D 468 51.82 -13.17 38.13
N PRO D 469 51.66 -12.51 36.98
CA PRO D 469 51.13 -13.08 35.74
C PRO D 469 52.12 -13.77 34.80
N GLY D 470 53.34 -14.04 35.26
CA GLY D 470 54.40 -14.63 34.42
C GLY D 470 55.63 -13.76 34.28
N ILE D 471 56.10 -13.22 35.40
CA ILE D 471 57.29 -12.36 35.44
C ILE D 471 58.03 -12.56 36.76
N VAL D 472 59.36 -12.62 36.69
CA VAL D 472 60.21 -12.59 37.88
C VAL D 472 60.13 -11.17 38.47
N ARG D 473 59.61 -11.07 39.70
CA ARG D 473 59.47 -9.77 40.37
C ARG D 473 60.78 -9.45 41.09
#